data_3WGZ
#
_entry.id   3WGZ
#
_cell.length_a   46.727
_cell.length_b   136.072
_cell.length_c   60.051
_cell.angle_alpha   90.00
_cell.angle_beta   110.28
_cell.angle_gamma   90.00
#
_symmetry.space_group_name_H-M   'P 1 21 1'
#
loop_
_entity.id
_entity.type
_entity.pdbx_description
1 polymer 'Meso-diaminopimelate dehydrogenase'
2 non-polymer D-LEUCINE
3 water water
#
_entity_poly.entity_id   1
_entity_poly.type   'polypeptide(L)'
_entity_poly.pdbx_seq_one_letter_code
;MNSKIRIGIVGYGNIGKGVEKAIKQNDDMELEAIFTRRDINKVDSNNSKLVHISRLELYKDTVDVMILCGGSATDLVEQG
PMIASQFNTVDSFDNHGRIPQHFERMDEISKKAGNISLISTGWDPGLFSLNRLLGESILPKGKTHTFWGKGVSLGHSDAI
RRVQGVKNGIQYIIPIKGALDKARSGEQCDFTTREKHEMVCYVVPEENADLKKIEQDIKTMPDYFADYNTTVHFITEEEL
KLNHAGLSNGGFVIRSGNTQGGAKQVMEFNLNLESSAEFTSSVLVAYSRAIYKLSKEGKKGAVTVLDIPFSYLSPKTPEE
LRKELL
;
_entity_poly.pdbx_strand_id   A,B
#
# COMPACT_ATOMS: atom_id res chain seq x y z
N LYS A 4 -9.76 -25.22 -4.88
CA LYS A 4 -10.93 -25.65 -4.06
C LYS A 4 -11.98 -24.54 -4.03
N ILE A 5 -11.53 -23.29 -4.04
CA ILE A 5 -12.45 -22.16 -4.05
C ILE A 5 -13.06 -22.17 -5.44
N ARG A 6 -14.37 -22.38 -5.50
CA ARG A 6 -15.08 -22.44 -6.77
C ARG A 6 -15.53 -21.06 -7.25
N ILE A 7 -14.88 -20.59 -8.31
CA ILE A 7 -15.16 -19.27 -8.87
C ILE A 7 -16.03 -19.31 -10.11
N GLY A 8 -16.95 -18.36 -10.18
CA GLY A 8 -17.84 -18.23 -11.32
C GLY A 8 -17.60 -16.85 -11.92
N ILE A 9 -17.41 -16.79 -13.23
CA ILE A 9 -17.17 -15.51 -13.89
C ILE A 9 -18.42 -15.02 -14.60
N VAL A 10 -18.77 -13.78 -14.35
CA VAL A 10 -19.95 -13.18 -14.97
C VAL A 10 -19.52 -12.15 -16.01
N GLY A 11 -19.65 -12.49 -17.29
CA GLY A 11 -19.24 -11.58 -18.34
C GLY A 11 -17.90 -12.08 -18.86
N TYR A 12 -17.69 -12.00 -20.17
CA TYR A 12 -16.44 -12.49 -20.73
C TYR A 12 -15.78 -11.49 -21.67
N GLY A 13 -15.63 -10.26 -21.22
CA GLY A 13 -14.98 -9.23 -22.01
C GLY A 13 -13.49 -9.33 -21.75
N ASN A 14 -12.81 -8.20 -21.55
CA ASN A 14 -11.38 -8.22 -21.30
C ASN A 14 -11.05 -8.66 -19.87
N ILE A 15 -11.83 -8.17 -18.92
CA ILE A 15 -11.63 -8.51 -17.51
C ILE A 15 -11.98 -9.98 -17.26
N GLY A 16 -13.10 -10.41 -17.81
CA GLY A 16 -13.52 -11.79 -17.64
C GLY A 16 -12.43 -12.70 -18.19
N LYS A 17 -11.96 -12.41 -19.40
CA LYS A 17 -10.90 -13.23 -19.98
C LYS A 17 -9.73 -13.20 -19.01
N GLY A 18 -9.48 -12.03 -18.44
CA GLY A 18 -8.38 -11.88 -17.51
C GLY A 18 -8.54 -12.69 -16.25
N VAL A 19 -9.76 -12.78 -15.73
CA VAL A 19 -9.98 -13.56 -14.52
C VAL A 19 -9.72 -15.04 -14.81
N GLU A 20 -10.17 -15.48 -15.98
CA GLU A 20 -9.99 -16.87 -16.40
C GLU A 20 -8.53 -17.25 -16.35
N LYS A 21 -7.68 -16.37 -16.87
CA LYS A 21 -6.24 -16.59 -16.89
C LYS A 21 -5.63 -16.56 -15.49
N ALA A 22 -6.00 -15.55 -14.70
CA ALA A 22 -5.48 -15.41 -13.35
C ALA A 22 -5.80 -16.60 -12.46
N ILE A 23 -6.96 -17.21 -12.68
CA ILE A 23 -7.35 -18.34 -11.87
C ILE A 23 -6.32 -19.45 -12.02
N LYS A 24 -5.69 -19.48 -13.18
CA LYS A 24 -4.69 -20.50 -13.44
C LYS A 24 -3.39 -20.25 -12.67
N GLN A 25 -3.21 -19.05 -12.14
CA GLN A 25 -2.00 -18.74 -11.38
C GLN A 25 -2.21 -19.02 -9.89
N ASN A 26 -3.43 -19.47 -9.55
CA ASN A 26 -3.81 -19.79 -8.18
C ASN A 26 -4.18 -21.26 -8.03
N ASP A 27 -3.26 -22.05 -7.50
CA ASP A 27 -3.51 -23.47 -7.31
C ASP A 27 -4.74 -23.76 -6.43
N ASP A 28 -5.05 -22.86 -5.50
CA ASP A 28 -6.18 -23.08 -4.61
C ASP A 28 -7.54 -22.69 -5.20
N MET A 29 -7.57 -22.37 -6.48
CA MET A 29 -8.82 -21.96 -7.11
C MET A 29 -9.23 -22.68 -8.39
N GLU A 30 -10.54 -22.78 -8.57
CA GLU A 30 -11.11 -23.45 -9.72
C GLU A 30 -12.24 -22.65 -10.37
N LEU A 31 -12.23 -22.61 -11.71
CA LEU A 31 -13.25 -21.90 -12.47
C LEU A 31 -14.42 -22.86 -12.72
N GLU A 32 -15.60 -22.52 -12.22
CA GLU A 32 -16.78 -23.37 -12.39
C GLU A 32 -17.47 -23.13 -13.73
N ALA A 33 -17.57 -21.86 -14.14
CA ALA A 33 -18.21 -21.51 -15.39
C ALA A 33 -18.08 -20.02 -15.68
N ILE A 34 -18.20 -19.69 -16.96
CA ILE A 34 -18.12 -18.31 -17.43
C ILE A 34 -19.50 -17.99 -17.99
N PHE A 35 -20.18 -17.02 -17.38
CA PHE A 35 -21.52 -16.63 -17.79
C PHE A 35 -21.60 -15.48 -18.79
N THR A 36 -22.15 -15.76 -19.97
CA THR A 36 -22.29 -14.77 -21.03
C THR A 36 -23.74 -14.35 -21.24
N ARG A 37 -23.91 -13.18 -21.86
CA ARG A 37 -25.23 -12.65 -22.19
C ARG A 37 -25.54 -13.12 -23.62
N ARG A 38 -24.51 -13.57 -24.32
CA ARG A 38 -24.65 -14.06 -25.70
C ARG A 38 -25.76 -15.10 -25.79
N ASP A 39 -26.58 -15.00 -26.83
CA ASP A 39 -27.69 -15.95 -27.03
C ASP A 39 -27.16 -17.37 -27.13
N ILE A 40 -27.98 -18.34 -26.72
CA ILE A 40 -27.58 -19.74 -26.81
C ILE A 40 -27.14 -19.90 -28.25
N ASN A 41 -27.74 -19.08 -29.11
CA ASN A 41 -27.43 -19.05 -30.53
C ASN A 41 -25.95 -18.72 -30.69
N LYS A 42 -25.11 -19.70 -30.40
CA LYS A 42 -23.66 -19.54 -30.52
C LYS A 42 -23.22 -20.75 -31.35
N VAL A 43 -22.72 -21.77 -30.68
CA VAL A 43 -22.28 -23.02 -31.31
C VAL A 43 -22.28 -24.02 -30.16
N ASP A 44 -23.45 -24.27 -29.59
CA ASP A 44 -23.59 -25.16 -28.45
C ASP A 44 -23.03 -24.43 -27.24
N SER A 45 -21.71 -24.45 -27.12
CA SER A 45 -21.01 -23.78 -26.04
C SER A 45 -19.61 -23.47 -26.55
N ASN A 46 -19.32 -23.94 -27.77
CA ASN A 46 -18.02 -23.72 -28.40
C ASN A 46 -16.96 -24.38 -27.50
N ASN A 47 -17.34 -25.47 -26.84
CA ASN A 47 -16.46 -26.17 -25.90
C ASN A 47 -16.33 -25.22 -24.70
N SER A 48 -15.10 -24.82 -24.39
CA SER A 48 -14.83 -23.89 -23.29
C SER A 48 -15.70 -24.01 -22.04
N LYS A 49 -15.58 -23.00 -21.17
CA LYS A 49 -16.32 -22.94 -19.91
C LYS A 49 -17.53 -22.03 -20.03
N LEU A 50 -17.87 -21.61 -21.25
CA LEU A 50 -19.01 -20.71 -21.45
C LEU A 50 -20.36 -21.34 -21.16
N VAL A 51 -21.19 -20.59 -20.45
CA VAL A 51 -22.55 -21.00 -20.12
C VAL A 51 -23.45 -19.77 -20.20
N HIS A 52 -24.67 -19.96 -20.69
CA HIS A 52 -25.58 -18.84 -20.83
C HIS A 52 -26.01 -18.30 -19.48
N ILE A 53 -26.06 -16.97 -19.38
CA ILE A 53 -26.42 -16.29 -18.14
C ILE A 53 -27.72 -16.79 -17.53
N SER A 54 -28.63 -17.27 -18.36
CA SER A 54 -29.92 -17.75 -17.88
C SER A 54 -29.80 -18.91 -16.89
N ARG A 55 -28.71 -19.66 -16.98
CA ARG A 55 -28.48 -20.82 -16.12
C ARG A 55 -27.77 -20.50 -14.81
N LEU A 56 -27.56 -19.22 -14.53
CA LEU A 56 -26.87 -18.82 -13.32
C LEU A 56 -27.47 -19.51 -12.10
N GLU A 57 -28.79 -19.40 -11.97
CA GLU A 57 -29.54 -20.00 -10.87
C GLU A 57 -29.13 -21.43 -10.59
N LEU A 58 -28.90 -22.20 -11.64
CA LEU A 58 -28.56 -23.62 -11.51
C LEU A 58 -27.26 -23.90 -10.78
N TYR A 59 -26.37 -22.92 -10.73
CA TYR A 59 -25.08 -23.12 -10.07
C TYR A 59 -25.06 -22.81 -8.59
N LYS A 60 -26.23 -22.67 -7.98
CA LYS A 60 -26.32 -22.39 -6.55
C LYS A 60 -25.71 -23.57 -5.79
N ASP A 61 -24.96 -23.27 -4.75
CA ASP A 61 -24.30 -24.30 -3.94
C ASP A 61 -23.12 -24.96 -4.64
N THR A 62 -22.74 -24.44 -5.80
CA THR A 62 -21.59 -24.99 -6.52
C THR A 62 -20.60 -23.87 -6.83
N VAL A 63 -20.91 -22.66 -6.37
CA VAL A 63 -20.04 -21.50 -6.57
C VAL A 63 -19.87 -20.73 -5.27
N ASP A 64 -18.62 -20.49 -4.89
CA ASP A 64 -18.31 -19.77 -3.66
C ASP A 64 -18.34 -18.28 -3.87
N VAL A 65 -17.78 -17.83 -4.99
CA VAL A 65 -17.75 -16.43 -5.30
C VAL A 65 -18.01 -16.16 -6.78
N MET A 66 -18.90 -15.21 -7.05
CA MET A 66 -19.19 -14.83 -8.43
C MET A 66 -18.40 -13.55 -8.67
N ILE A 67 -17.51 -13.55 -9.65
CA ILE A 67 -16.76 -12.35 -9.94
C ILE A 67 -17.46 -11.64 -11.08
N LEU A 68 -17.98 -10.44 -10.81
CA LEU A 68 -18.68 -9.71 -11.85
C LEU A 68 -17.74 -8.92 -12.75
N CYS A 69 -17.57 -9.42 -13.97
CA CYS A 69 -16.69 -8.77 -14.94
C CYS A 69 -17.57 -8.19 -16.03
N GLY A 70 -18.75 -7.72 -15.65
CA GLY A 70 -19.69 -7.16 -16.61
C GLY A 70 -19.14 -5.96 -17.36
N GLY A 71 -18.41 -5.10 -16.65
CA GLY A 71 -17.84 -3.93 -17.29
C GLY A 71 -18.90 -2.96 -17.77
N SER A 72 -19.39 -2.12 -16.86
CA SER A 72 -20.40 -1.11 -17.15
C SER A 72 -21.04 -0.70 -15.83
N ALA A 73 -20.54 0.39 -15.26
CA ALA A 73 -21.06 0.88 -14.01
C ALA A 73 -22.58 0.82 -13.90
N THR A 74 -23.28 1.32 -14.91
CA THR A 74 -24.74 1.33 -14.88
C THR A 74 -25.36 -0.07 -14.84
N ASP A 75 -24.84 -1.00 -15.65
CA ASP A 75 -25.34 -2.37 -15.67
C ASP A 75 -25.21 -3.01 -14.29
N LEU A 76 -24.11 -2.70 -13.61
CA LEU A 76 -23.85 -3.24 -12.28
C LEU A 76 -24.91 -2.79 -11.29
N VAL A 77 -25.43 -1.58 -11.47
CA VAL A 77 -26.45 -1.06 -10.56
C VAL A 77 -27.59 -2.06 -10.37
N GLU A 78 -28.08 -2.63 -11.46
CA GLU A 78 -29.18 -3.58 -11.37
C GLU A 78 -28.74 -5.04 -11.28
N GLN A 79 -27.79 -5.43 -12.11
CA GLN A 79 -27.32 -6.81 -12.12
C GLN A 79 -26.63 -7.22 -10.84
N GLY A 80 -25.89 -6.29 -10.25
CA GLY A 80 -25.21 -6.57 -9.01
C GLY A 80 -26.16 -7.13 -7.97
N PRO A 81 -27.15 -6.35 -7.54
CA PRO A 81 -28.11 -6.83 -6.53
C PRO A 81 -28.65 -8.20 -6.92
N MET A 82 -29.04 -8.32 -8.18
CA MET A 82 -29.58 -9.56 -8.71
C MET A 82 -28.69 -10.75 -8.33
N ILE A 83 -27.42 -10.69 -8.71
CA ILE A 83 -26.50 -11.79 -8.40
C ILE A 83 -26.29 -11.94 -6.89
N ALA A 84 -26.05 -10.83 -6.22
CA ALA A 84 -25.78 -10.84 -4.79
C ALA A 84 -26.88 -11.51 -3.96
N SER A 85 -28.08 -11.60 -4.53
CA SER A 85 -29.18 -12.23 -3.82
C SER A 85 -29.04 -13.75 -3.92
N GLN A 86 -28.02 -14.20 -4.64
CA GLN A 86 -27.83 -15.63 -4.80
C GLN A 86 -26.42 -16.09 -4.53
N PHE A 87 -25.46 -15.19 -4.68
CA PHE A 87 -24.07 -15.58 -4.45
C PHE A 87 -23.25 -14.49 -3.82
N ASN A 88 -22.12 -14.91 -3.24
CA ASN A 88 -21.20 -13.97 -2.67
C ASN A 88 -20.68 -13.33 -3.95
N THR A 89 -20.39 -12.04 -3.94
CA THR A 89 -19.93 -11.42 -5.16
C THR A 89 -18.74 -10.53 -4.95
N VAL A 90 -18.10 -10.18 -6.05
CA VAL A 90 -16.95 -9.29 -6.07
C VAL A 90 -17.07 -8.51 -7.38
N ASP A 91 -17.09 -7.18 -7.29
CA ASP A 91 -17.19 -6.37 -8.49
C ASP A 91 -16.15 -5.26 -8.43
N SER A 92 -16.06 -4.49 -9.49
CA SER A 92 -15.11 -3.39 -9.52
C SER A 92 -15.85 -2.10 -9.90
N PHE A 93 -17.05 -1.94 -9.35
CA PHE A 93 -17.86 -0.75 -9.59
C PHE A 93 -16.92 0.44 -9.55
N ASP A 94 -16.68 1.08 -10.69
CA ASP A 94 -15.73 2.19 -10.74
C ASP A 94 -16.26 3.62 -10.75
N ASN A 95 -17.54 3.83 -10.46
CA ASN A 95 -18.05 5.19 -10.44
C ASN A 95 -17.93 5.70 -9.00
N HIS A 96 -16.79 6.33 -8.71
CA HIS A 96 -16.50 6.86 -7.39
C HIS A 96 -17.69 7.63 -6.84
N GLY A 97 -18.21 8.54 -7.66
CA GLY A 97 -19.34 9.35 -7.26
C GLY A 97 -20.56 8.60 -6.77
N ARG A 98 -20.80 7.39 -7.27
CA ARG A 98 -21.97 6.64 -6.85
C ARG A 98 -21.69 5.38 -6.03
N ILE A 99 -20.47 5.27 -5.54
CA ILE A 99 -20.08 4.12 -4.73
C ILE A 99 -20.91 4.03 -3.46
N PRO A 100 -21.28 5.18 -2.88
CA PRO A 100 -22.08 5.14 -1.64
C PRO A 100 -23.45 4.49 -1.87
N GLN A 101 -24.03 4.73 -3.03
CA GLN A 101 -25.33 4.18 -3.38
C GLN A 101 -25.22 2.70 -3.66
N HIS A 102 -24.21 2.33 -4.43
CA HIS A 102 -23.99 0.94 -4.79
C HIS A 102 -23.77 0.08 -3.55
N PHE A 103 -22.98 0.60 -2.60
CA PHE A 103 -22.70 -0.12 -1.37
C PHE A 103 -23.98 -0.40 -0.59
N GLU A 104 -24.80 0.65 -0.45
CA GLU A 104 -26.05 0.55 0.27
C GLU A 104 -26.95 -0.52 -0.34
N ARG A 105 -27.15 -0.43 -1.65
CA ARG A 105 -27.99 -1.41 -2.33
C ARG A 105 -27.44 -2.83 -2.18
N MET A 106 -26.16 -3.02 -2.49
CA MET A 106 -25.54 -4.33 -2.39
C MET A 106 -25.54 -4.84 -0.95
N ASP A 107 -25.41 -3.92 0.02
CA ASP A 107 -25.40 -4.31 1.41
C ASP A 107 -26.76 -4.86 1.82
N GLU A 108 -27.80 -4.11 1.47
CA GLU A 108 -29.16 -4.50 1.81
C GLU A 108 -29.45 -5.91 1.32
N ILE A 109 -29.19 -6.14 0.04
CA ILE A 109 -29.44 -7.43 -0.57
C ILE A 109 -28.61 -8.58 -0.01
N SER A 110 -27.29 -8.43 -0.06
CA SER A 110 -26.42 -9.50 0.41
C SER A 110 -26.72 -9.94 1.84
N LYS A 111 -27.16 -9.01 2.68
CA LYS A 111 -27.47 -9.36 4.07
C LYS A 111 -28.75 -10.19 4.15
N LYS A 112 -29.69 -9.89 3.27
CA LYS A 112 -30.94 -10.62 3.21
C LYS A 112 -30.70 -12.08 2.87
N ALA A 113 -29.93 -12.31 1.79
CA ALA A 113 -29.61 -13.65 1.32
C ALA A 113 -28.51 -14.31 2.14
N GLY A 114 -27.96 -13.57 3.08
CA GLY A 114 -26.91 -14.10 3.94
C GLY A 114 -25.59 -14.28 3.21
N ASN A 115 -25.35 -13.41 2.23
CA ASN A 115 -24.12 -13.49 1.47
C ASN A 115 -23.28 -12.23 1.69
N ILE A 116 -22.07 -12.25 1.14
CA ILE A 116 -21.17 -11.12 1.25
C ILE A 116 -20.85 -10.58 -0.14
N SER A 117 -20.80 -9.26 -0.26
CA SER A 117 -20.49 -8.63 -1.54
C SER A 117 -19.40 -7.61 -1.40
N LEU A 118 -18.31 -7.80 -2.13
CA LEU A 118 -17.21 -6.86 -2.09
C LEU A 118 -17.35 -6.00 -3.33
N ILE A 119 -17.43 -4.70 -3.13
CA ILE A 119 -17.57 -3.80 -4.27
C ILE A 119 -16.36 -2.92 -4.46
N SER A 120 -16.27 -2.32 -5.64
CA SER A 120 -15.22 -1.38 -5.97
C SER A 120 -13.78 -1.80 -5.69
N THR A 121 -13.41 -3.00 -6.11
CA THR A 121 -12.03 -3.42 -5.92
C THR A 121 -11.42 -3.24 -7.29
N GLY A 122 -10.10 -3.32 -7.37
CA GLY A 122 -9.42 -3.14 -8.62
C GLY A 122 -8.22 -2.29 -8.25
N TRP A 123 -7.65 -1.54 -9.19
CA TRP A 123 -6.54 -0.72 -8.77
C TRP A 123 -7.04 0.65 -8.33
N ASP A 124 -8.11 1.15 -8.93
CA ASP A 124 -8.69 2.44 -8.52
C ASP A 124 -10.11 2.58 -9.07
N PRO A 125 -11.12 2.42 -8.20
CA PRO A 125 -11.03 2.15 -6.76
C PRO A 125 -10.33 0.80 -6.46
N GLY A 126 -9.89 0.65 -5.21
CA GLY A 126 -9.20 -0.57 -4.81
C GLY A 126 -7.86 -0.26 -4.20
N LEU A 127 -6.79 -0.69 -4.86
CA LEU A 127 -5.43 -0.47 -4.37
C LEU A 127 -5.10 0.99 -4.10
N PHE A 128 -5.49 1.88 -5.00
CA PHE A 128 -5.21 3.30 -4.80
C PHE A 128 -5.98 3.84 -3.61
N SER A 129 -7.21 3.38 -3.44
CA SER A 129 -8.03 3.83 -2.31
C SER A 129 -7.32 3.45 -1.02
N LEU A 130 -6.76 2.24 -1.00
CA LEU A 130 -6.05 1.76 0.18
C LEU A 130 -4.87 2.66 0.51
N ASN A 131 -4.13 3.06 -0.52
CA ASN A 131 -2.98 3.90 -0.25
C ASN A 131 -3.35 5.34 0.10
N ARG A 132 -4.50 5.80 -0.38
CA ARG A 132 -4.94 7.14 -0.06
C ARG A 132 -5.19 7.14 1.43
N LEU A 133 -5.87 6.10 1.89
CA LEU A 133 -6.18 5.96 3.31
C LEU A 133 -4.93 5.79 4.15
N LEU A 134 -4.06 4.86 3.75
CA LEU A 134 -2.82 4.63 4.48
C LEU A 134 -2.06 5.95 4.54
N GLY A 135 -1.97 6.61 3.39
CA GLY A 135 -1.27 7.87 3.32
C GLY A 135 -1.75 8.90 4.32
N GLU A 136 -3.04 9.20 4.33
CA GLU A 136 -3.52 10.21 5.26
C GLU A 136 -3.63 9.70 6.68
N SER A 137 -3.45 8.40 6.90
CA SER A 137 -3.52 7.84 8.26
C SER A 137 -2.17 7.91 8.97
N ILE A 138 -1.09 7.72 8.23
CA ILE A 138 0.25 7.78 8.80
C ILE A 138 0.77 9.21 8.86
N LEU A 139 0.43 9.99 7.84
CA LEU A 139 0.83 11.40 7.79
C LEU A 139 -0.46 12.20 7.77
N PRO A 140 -1.06 12.42 8.95
CA PRO A 140 -2.31 13.18 9.08
C PRO A 140 -2.15 14.57 8.52
N LYS A 141 -0.95 15.12 8.69
CA LYS A 141 -0.63 16.46 8.23
C LYS A 141 0.07 16.41 6.88
N GLY A 142 -0.69 16.56 5.80
CA GLY A 142 -0.08 16.50 4.50
C GLY A 142 -1.06 16.59 3.36
N LYS A 143 -0.58 16.27 2.16
CA LYS A 143 -1.40 16.34 0.96
C LYS A 143 -1.33 15.06 0.14
N THR A 144 -2.49 14.56 -0.29
CA THR A 144 -2.56 13.35 -1.11
C THR A 144 -2.81 13.66 -2.58
N HIS A 145 -1.99 13.08 -3.44
CA HIS A 145 -2.13 13.30 -4.88
C HIS A 145 -2.21 11.99 -5.65
N THR A 146 -3.22 11.87 -6.50
CA THR A 146 -3.39 10.67 -7.31
C THR A 146 -3.25 11.00 -8.79
N PHE A 147 -2.47 10.19 -9.51
CA PHE A 147 -2.26 10.37 -10.94
C PHE A 147 -2.58 9.07 -11.66
N TRP A 148 -2.92 9.15 -12.95
CA TRP A 148 -3.26 7.95 -13.68
C TRP A 148 -2.34 7.52 -14.82
N GLY A 149 -1.14 7.10 -14.40
CA GLY A 149 -0.08 6.60 -15.25
C GLY A 149 0.09 7.00 -16.70
N LYS A 150 -0.79 6.52 -17.55
CA LYS A 150 -0.76 6.79 -18.99
C LYS A 150 -1.48 5.63 -19.63
N GLY A 151 -2.73 5.85 -19.98
CA GLY A 151 -3.53 4.83 -20.59
C GLY A 151 -4.94 5.35 -20.82
N VAL A 152 -5.81 4.45 -21.28
CA VAL A 152 -7.20 4.80 -21.54
C VAL A 152 -7.95 5.10 -20.27
N SER A 153 -8.92 5.99 -20.38
CA SER A 153 -9.75 6.35 -19.24
C SER A 153 -11.17 6.02 -19.69
N LEU A 154 -11.38 4.73 -19.92
CA LEU A 154 -12.66 4.17 -20.35
C LEU A 154 -13.84 5.13 -20.44
N GLY A 155 -14.19 5.75 -19.31
CA GLY A 155 -15.30 6.69 -19.32
C GLY A 155 -15.18 7.73 -20.40
N HIS A 156 -14.06 8.44 -20.41
CA HIS A 156 -13.76 9.48 -21.38
C HIS A 156 -13.77 8.95 -22.81
N SER A 157 -13.60 7.64 -22.95
CA SER A 157 -13.59 7.01 -24.26
C SER A 157 -15.02 6.83 -24.78
N ASP A 158 -15.99 6.83 -23.87
CA ASP A 158 -17.39 6.70 -24.26
C ASP A 158 -17.97 8.08 -24.50
N ALA A 159 -17.67 8.98 -23.57
CA ALA A 159 -18.16 10.35 -23.65
C ALA A 159 -17.90 10.94 -25.04
N ILE A 160 -16.82 10.49 -25.67
CA ILE A 160 -16.48 10.97 -26.99
C ILE A 160 -17.26 10.22 -28.04
N ARG A 161 -17.57 8.95 -27.76
CA ARG A 161 -18.34 8.11 -28.68
C ARG A 161 -19.78 8.58 -28.73
N ARG A 162 -20.14 9.49 -27.82
CA ARG A 162 -21.49 10.04 -27.77
C ARG A 162 -21.56 11.31 -28.59
N VAL A 163 -20.40 11.86 -28.93
CA VAL A 163 -20.34 13.09 -29.72
C VAL A 163 -20.98 12.84 -31.10
N GLN A 164 -21.40 13.91 -31.75
CA GLN A 164 -22.06 13.83 -33.05
C GLN A 164 -21.33 13.08 -34.16
N GLY A 165 -20.56 13.82 -34.95
CA GLY A 165 -19.84 13.23 -36.07
C GLY A 165 -18.83 12.13 -35.81
N VAL A 166 -18.87 11.53 -34.64
CA VAL A 166 -17.94 10.46 -34.31
C VAL A 166 -18.67 9.12 -34.24
N LYS A 167 -18.01 8.06 -34.71
CA LYS A 167 -18.61 6.73 -34.69
C LYS A 167 -17.73 5.72 -33.96
N ASN A 168 -16.53 6.13 -33.59
CA ASN A 168 -15.59 5.28 -32.87
C ASN A 168 -14.33 6.08 -32.56
N GLY A 169 -13.86 6.00 -31.31
CA GLY A 169 -12.67 6.73 -30.92
C GLY A 169 -12.08 6.29 -29.60
N ILE A 170 -10.96 6.87 -29.24
CA ILE A 170 -10.29 6.53 -28.00
C ILE A 170 -9.50 7.71 -27.44
N GLN A 171 -9.35 7.75 -26.12
CA GLN A 171 -8.60 8.83 -25.48
C GLN A 171 -7.61 8.28 -24.47
N TYR A 172 -6.58 9.08 -24.20
CA TYR A 172 -5.54 8.73 -23.26
C TYR A 172 -5.42 9.83 -22.21
N ILE A 173 -5.11 9.45 -20.98
CA ILE A 173 -4.92 10.44 -19.95
C ILE A 173 -3.42 10.32 -19.66
N ILE A 174 -2.74 11.45 -19.48
CA ILE A 174 -1.31 11.40 -19.25
C ILE A 174 -0.83 12.33 -18.15
N PRO A 175 -0.17 11.75 -17.14
CA PRO A 175 0.35 12.55 -16.03
C PRO A 175 1.43 13.47 -16.57
N ILE A 176 1.67 14.58 -15.88
CA ILE A 176 2.68 15.53 -16.30
C ILE A 176 3.89 15.36 -15.40
N LYS A 177 5.03 15.06 -16.01
CA LYS A 177 6.27 14.85 -15.25
C LYS A 177 6.44 15.95 -14.23
N GLY A 178 6.18 17.18 -14.67
CA GLY A 178 6.32 18.34 -13.80
C GLY A 178 5.51 18.24 -12.52
N ALA A 179 4.27 17.81 -12.62
CA ALA A 179 3.42 17.70 -11.43
C ALA A 179 3.92 16.57 -10.53
N LEU A 180 4.26 15.44 -11.13
CA LEU A 180 4.74 14.28 -10.40
C LEU A 180 5.98 14.58 -9.54
N ASP A 181 6.95 15.30 -10.10
CA ASP A 181 8.15 15.63 -9.35
C ASP A 181 7.87 16.50 -8.15
N LYS A 182 7.02 17.51 -8.33
CA LYS A 182 6.67 18.41 -7.25
C LYS A 182 6.03 17.61 -6.11
N ALA A 183 5.09 16.76 -6.46
CA ALA A 183 4.42 15.94 -5.46
C ALA A 183 5.47 15.15 -4.70
N ARG A 184 6.40 14.54 -5.43
CA ARG A 184 7.46 13.75 -4.81
C ARG A 184 8.50 14.54 -4.02
N SER A 185 8.43 15.87 -4.09
CA SER A 185 9.40 16.69 -3.38
C SER A 185 8.99 17.03 -1.95
N GLY A 186 7.86 16.50 -1.51
CA GLY A 186 7.41 16.78 -0.16
C GLY A 186 7.23 18.26 0.08
N GLU A 187 7.04 19.00 -1.01
CA GLU A 187 6.87 20.45 -0.95
C GLU A 187 5.47 20.88 -0.50
N GLN A 188 4.50 19.98 -0.65
CA GLN A 188 3.12 20.26 -0.29
C GLN A 188 2.57 21.45 -1.07
N CYS A 189 1.41 21.25 -1.68
CA CYS A 189 0.77 22.30 -2.46
C CYS A 189 -0.49 21.73 -3.12
N ASP A 190 -1.26 22.59 -3.76
CA ASP A 190 -2.48 22.16 -4.43
C ASP A 190 -2.30 22.27 -5.93
N PHE A 191 -2.77 21.27 -6.65
CA PHE A 191 -2.67 21.27 -8.10
C PHE A 191 -4.05 21.38 -8.70
N THR A 192 -4.13 21.95 -9.90
CA THR A 192 -5.40 22.04 -10.58
C THR A 192 -5.43 20.83 -11.49
N THR A 193 -6.61 20.49 -11.99
CA THR A 193 -6.75 19.35 -12.88
C THR A 193 -5.79 19.52 -14.06
N ARG A 194 -5.72 20.74 -14.59
CA ARG A 194 -4.88 21.07 -15.73
C ARG A 194 -3.38 20.92 -15.44
N GLU A 195 -3.02 20.90 -14.17
CA GLU A 195 -1.61 20.78 -13.80
C GLU A 195 -1.11 19.36 -13.58
N LYS A 196 -2.02 18.40 -13.50
CA LYS A 196 -1.63 17.01 -13.25
C LYS A 196 -1.68 16.10 -14.47
N HIS A 197 -2.67 16.32 -15.33
CA HIS A 197 -2.81 15.47 -16.50
C HIS A 197 -3.20 16.22 -17.75
N GLU A 198 -2.78 15.69 -18.89
CA GLU A 198 -3.16 16.27 -20.17
C GLU A 198 -3.88 15.14 -20.90
N MET A 199 -4.81 15.50 -21.78
CA MET A 199 -5.59 14.52 -22.51
C MET A 199 -5.27 14.52 -24.00
N VAL A 200 -5.17 13.32 -24.57
CA VAL A 200 -4.87 13.17 -25.99
C VAL A 200 -5.91 12.23 -26.58
N CYS A 201 -6.70 12.73 -27.52
CA CYS A 201 -7.73 11.92 -28.15
C CYS A 201 -7.39 11.53 -29.58
N TYR A 202 -7.96 10.40 -30.00
CA TYR A 202 -7.77 9.89 -31.34
C TYR A 202 -9.19 9.50 -31.73
N VAL A 203 -9.74 10.19 -32.72
CA VAL A 203 -11.11 9.94 -33.14
C VAL A 203 -11.32 9.61 -34.61
N VAL A 204 -12.18 8.63 -34.86
CA VAL A 204 -12.55 8.20 -36.20
C VAL A 204 -13.93 8.80 -36.45
N PRO A 205 -13.98 9.92 -37.18
CA PRO A 205 -15.24 10.60 -37.48
C PRO A 205 -15.92 10.15 -38.76
N GLU A 206 -16.47 11.13 -39.46
CA GLU A 206 -17.17 10.94 -40.73
C GLU A 206 -18.46 10.13 -40.71
N GLU A 207 -19.56 10.84 -40.49
CA GLU A 207 -20.90 10.26 -40.50
C GLU A 207 -21.50 10.91 -41.74
N ASN A 208 -20.64 11.66 -42.43
CA ASN A 208 -20.97 12.40 -43.64
C ASN A 208 -19.72 13.28 -43.83
N ALA A 209 -18.58 12.75 -43.41
CA ALA A 209 -17.31 13.47 -43.47
C ALA A 209 -17.47 14.64 -42.49
N ASP A 210 -18.49 14.50 -41.65
CA ASP A 210 -18.89 15.47 -40.62
C ASP A 210 -17.87 16.54 -40.22
N LEU A 211 -18.40 17.71 -39.86
CA LEU A 211 -17.58 18.84 -39.45
C LEU A 211 -16.61 18.41 -38.35
N LYS A 212 -15.33 18.43 -38.69
CA LYS A 212 -14.29 18.04 -37.76
C LYS A 212 -13.97 19.11 -36.72
N LYS A 213 -14.15 20.38 -37.08
CA LYS A 213 -13.87 21.47 -36.17
C LYS A 213 -14.93 21.55 -35.08
N ILE A 214 -16.14 21.05 -35.36
CA ILE A 214 -17.20 21.06 -34.36
C ILE A 214 -16.94 19.90 -33.42
N GLU A 215 -16.09 18.98 -33.86
CA GLU A 215 -15.72 17.83 -33.04
C GLU A 215 -14.87 18.35 -31.90
N GLN A 216 -14.57 19.64 -31.95
CA GLN A 216 -13.81 20.31 -30.90
C GLN A 216 -14.82 20.70 -29.83
N ASP A 217 -15.99 20.08 -29.88
CA ASP A 217 -17.04 20.32 -28.89
C ASP A 217 -16.78 19.26 -27.82
N ILE A 218 -15.67 18.55 -28.03
CA ILE A 218 -15.21 17.50 -27.13
C ILE A 218 -14.30 18.16 -26.09
N LYS A 219 -13.49 19.11 -26.55
CA LYS A 219 -12.57 19.82 -25.68
C LYS A 219 -13.33 20.67 -24.66
N THR A 220 -14.59 20.96 -24.95
CA THR A 220 -15.41 21.76 -24.06
C THR A 220 -16.36 20.88 -23.25
N MET A 221 -16.27 19.58 -23.44
CA MET A 221 -17.15 18.66 -22.72
C MET A 221 -16.96 18.80 -21.20
N PRO A 222 -18.02 19.24 -20.50
CA PRO A 222 -18.02 19.42 -19.04
C PRO A 222 -17.78 18.13 -18.27
N ASP A 223 -16.91 18.19 -17.26
CA ASP A 223 -16.60 17.04 -16.43
C ASP A 223 -15.67 16.02 -17.06
N TYR A 224 -15.51 16.08 -18.37
CA TYR A 224 -14.64 15.13 -19.07
C TYR A 224 -13.34 15.77 -19.54
N PHE A 225 -13.45 16.79 -20.38
CA PHE A 225 -12.26 17.48 -20.88
C PHE A 225 -12.47 18.96 -20.53
N ALA A 226 -11.79 19.86 -21.22
CA ALA A 226 -11.92 21.29 -20.95
C ALA A 226 -11.11 21.71 -19.74
N ASP A 227 -11.11 20.86 -18.71
CA ASP A 227 -10.34 21.11 -17.49
C ASP A 227 -8.91 20.67 -17.74
N TYR A 228 -8.69 20.04 -18.88
CA TYR A 228 -7.36 19.54 -19.24
C TYR A 228 -6.98 20.02 -20.63
N ASN A 229 -5.68 20.19 -20.87
CA ASN A 229 -5.22 20.57 -22.19
C ASN A 229 -5.44 19.33 -23.04
N THR A 230 -6.57 19.27 -23.72
CA THR A 230 -6.93 18.13 -24.54
C THR A 230 -6.51 18.23 -26.02
N THR A 231 -5.49 17.48 -26.40
CA THR A 231 -5.02 17.48 -27.77
C THR A 231 -5.90 16.53 -28.58
N VAL A 232 -6.27 16.94 -29.78
CA VAL A 232 -7.14 16.12 -30.62
C VAL A 232 -6.54 15.73 -31.97
N HIS A 233 -6.77 14.47 -32.36
CA HIS A 233 -6.29 13.93 -33.62
C HIS A 233 -7.39 13.10 -34.30
N PHE A 234 -7.29 12.93 -35.60
CA PHE A 234 -8.27 12.15 -36.36
C PHE A 234 -7.57 11.05 -37.14
N ILE A 235 -8.15 9.86 -37.14
CA ILE A 235 -7.55 8.73 -37.83
C ILE A 235 -8.56 7.75 -38.42
N THR A 236 -8.05 6.83 -39.23
CA THR A 236 -8.88 5.83 -39.87
C THR A 236 -9.06 4.67 -38.87
N GLU A 237 -10.21 4.01 -38.92
CA GLU A 237 -10.48 2.92 -37.99
C GLU A 237 -9.54 1.72 -38.11
N GLU A 238 -8.63 1.76 -39.09
CA GLU A 238 -7.65 0.69 -39.26
C GLU A 238 -6.46 1.13 -38.44
N GLU A 239 -6.27 2.45 -38.39
CA GLU A 239 -5.20 3.08 -37.66
C GLU A 239 -5.53 3.16 -36.17
N LEU A 240 -6.73 2.70 -35.82
CA LEU A 240 -7.20 2.71 -34.44
C LEU A 240 -7.12 1.32 -33.83
N LYS A 241 -7.26 0.30 -34.67
CA LYS A 241 -7.21 -1.08 -34.20
C LYS A 241 -5.78 -1.60 -34.11
N LEU A 242 -4.99 -1.26 -35.12
CA LEU A 242 -3.61 -1.72 -35.18
C LEU A 242 -2.63 -0.69 -34.66
N ASN A 243 -3.11 0.23 -33.83
CA ASN A 243 -2.25 1.28 -33.28
C ASN A 243 -2.66 1.72 -31.88
N HIS A 244 -3.94 1.58 -31.56
CA HIS A 244 -4.43 2.01 -30.26
C HIS A 244 -5.15 0.97 -29.45
N ALA A 245 -4.55 -0.20 -29.31
CA ALA A 245 -5.14 -1.25 -28.51
C ALA A 245 -4.68 -0.88 -27.10
N GLY A 246 -5.09 0.30 -26.66
CA GLY A 246 -4.71 0.79 -25.34
C GLY A 246 -4.92 -0.18 -24.20
N LEU A 247 -3.96 -1.09 -24.01
CA LEU A 247 -4.06 -2.07 -22.93
C LEU A 247 -3.24 -1.65 -21.72
N SER A 248 -2.15 -0.92 -21.96
CA SER A 248 -1.30 -0.47 -20.88
C SER A 248 -1.92 0.66 -20.07
N ASN A 249 -1.41 0.85 -18.86
CA ASN A 249 -1.91 1.89 -17.96
C ASN A 249 -1.11 1.85 -16.66
N GLY A 250 -1.34 2.84 -15.80
CA GLY A 250 -0.63 2.89 -14.55
C GLY A 250 -1.17 4.05 -13.74
N GLY A 251 -0.43 4.44 -12.70
CA GLY A 251 -0.88 5.54 -11.86
C GLY A 251 0.00 5.73 -10.64
N PHE A 252 -0.24 6.80 -9.89
CA PHE A 252 0.53 7.08 -8.70
C PHE A 252 -0.34 7.65 -7.60
N VAL A 253 0.02 7.33 -6.37
CA VAL A 253 -0.67 7.86 -5.20
C VAL A 253 0.48 8.35 -4.36
N ILE A 254 0.57 9.66 -4.18
CA ILE A 254 1.65 10.24 -3.42
C ILE A 254 1.14 11.00 -2.22
N ARG A 255 1.69 10.70 -1.05
CA ARG A 255 1.31 11.39 0.16
C ARG A 255 2.54 12.17 0.59
N SER A 256 2.43 13.49 0.53
CA SER A 256 3.52 14.36 0.92
C SER A 256 3.06 15.04 2.19
N GLY A 257 3.81 14.87 3.28
CA GLY A 257 3.41 15.49 4.52
C GLY A 257 4.54 15.85 5.45
N ASN A 258 4.18 16.38 6.62
CA ASN A 258 5.17 16.78 7.61
C ASN A 258 4.73 16.27 8.96
N THR A 259 5.69 15.85 9.76
CA THR A 259 5.43 15.38 11.12
C THR A 259 5.77 16.61 11.97
N GLN A 260 5.34 16.63 13.24
CA GLN A 260 5.62 17.79 14.08
C GLN A 260 7.06 18.26 13.90
N GLY A 261 7.23 19.55 13.66
CA GLY A 261 8.58 20.06 13.48
C GLY A 261 8.93 20.34 12.04
N GLY A 262 8.07 19.93 11.12
CA GLY A 262 8.34 20.20 9.71
C GLY A 262 9.23 19.25 8.92
N ALA A 263 9.56 18.08 9.47
CA ALA A 263 10.40 17.15 8.69
C ALA A 263 9.60 16.60 7.51
N LYS A 264 10.18 16.67 6.31
CA LYS A 264 9.50 16.18 5.11
C LYS A 264 9.40 14.66 5.05
N GLN A 265 8.18 14.15 4.88
CA GLN A 265 7.96 12.72 4.81
C GLN A 265 7.15 12.43 3.56
N VAL A 266 7.65 11.54 2.70
CA VAL A 266 6.96 11.22 1.46
C VAL A 266 6.73 9.72 1.23
N MET A 267 5.48 9.36 0.97
CA MET A 267 5.07 7.97 0.74
C MET A 267 4.53 7.88 -0.68
N GLU A 268 4.90 6.84 -1.40
CA GLU A 268 4.42 6.66 -2.76
C GLU A 268 4.09 5.23 -3.15
N PHE A 269 3.00 5.09 -3.90
CA PHE A 269 2.55 3.81 -4.40
C PHE A 269 2.24 4.01 -5.88
N ASN A 270 2.83 3.19 -6.75
CA ASN A 270 2.53 3.33 -8.16
C ASN A 270 2.44 2.00 -8.89
N LEU A 271 1.80 2.07 -10.05
CA LEU A 271 1.62 0.92 -10.92
C LEU A 271 2.03 1.25 -12.34
N ASN A 272 2.59 0.24 -13.00
CA ASN A 272 3.02 0.36 -14.40
C ASN A 272 2.51 -0.95 -14.98
N LEU A 273 1.36 -0.89 -15.62
CA LEU A 273 0.71 -2.07 -16.15
C LEU A 273 0.72 -2.25 -17.67
N GLU A 274 1.34 -3.34 -18.12
CA GLU A 274 1.36 -3.62 -19.55
C GLU A 274 -0.07 -4.01 -19.96
N SER A 275 -0.80 -4.65 -19.05
CA SER A 275 -2.19 -5.02 -19.34
C SER A 275 -3.04 -4.68 -18.12
N SER A 276 -3.67 -3.52 -18.19
CA SER A 276 -4.50 -3.03 -17.12
C SER A 276 -5.59 -4.04 -16.72
N ALA A 277 -6.30 -4.53 -17.71
CA ALA A 277 -7.38 -5.48 -17.46
C ALA A 277 -6.89 -6.70 -16.70
N GLU A 278 -5.86 -7.35 -17.22
CA GLU A 278 -5.33 -8.54 -16.58
C GLU A 278 -4.92 -8.26 -15.13
N PHE A 279 -4.31 -7.10 -14.88
CA PHE A 279 -3.91 -6.74 -13.52
C PHE A 279 -5.17 -6.61 -12.67
N THR A 280 -6.14 -5.87 -13.17
CA THR A 280 -7.39 -5.68 -12.46
C THR A 280 -8.00 -7.04 -12.15
N SER A 281 -7.82 -7.98 -13.07
CA SER A 281 -8.34 -9.34 -12.90
C SER A 281 -7.65 -10.10 -11.78
N SER A 282 -6.34 -9.94 -11.65
CA SER A 282 -5.61 -10.64 -10.61
C SER A 282 -6.04 -10.08 -9.26
N VAL A 283 -6.38 -8.80 -9.24
CA VAL A 283 -6.81 -8.18 -8.00
C VAL A 283 -8.15 -8.78 -7.57
N LEU A 284 -9.07 -8.94 -8.53
CA LEU A 284 -10.39 -9.51 -8.25
C LEU A 284 -10.28 -10.93 -7.70
N VAL A 285 -9.38 -11.71 -8.27
CA VAL A 285 -9.19 -13.08 -7.81
C VAL A 285 -8.58 -13.11 -6.41
N ALA A 286 -7.53 -12.32 -6.19
CA ALA A 286 -6.91 -12.30 -4.88
C ALA A 286 -7.96 -11.97 -3.84
N TYR A 287 -8.81 -10.99 -4.15
CA TYR A 287 -9.86 -10.60 -3.21
C TYR A 287 -10.98 -11.63 -3.07
N SER A 288 -11.16 -12.45 -4.10
CA SER A 288 -12.20 -13.47 -4.01
C SER A 288 -11.78 -14.45 -2.93
N ARG A 289 -10.48 -14.65 -2.80
CA ARG A 289 -9.96 -15.54 -1.78
C ARG A 289 -10.35 -14.99 -0.42
N ALA A 290 -10.21 -13.68 -0.27
CA ALA A 290 -10.53 -13.03 0.99
C ALA A 290 -12.04 -13.11 1.29
N ILE A 291 -12.86 -12.96 0.25
CA ILE A 291 -14.30 -13.02 0.43
C ILE A 291 -14.71 -14.46 0.78
N TYR A 292 -14.02 -15.42 0.17
CA TYR A 292 -14.30 -16.82 0.46
C TYR A 292 -14.08 -17.03 1.96
N LYS A 293 -12.95 -16.58 2.46
CA LYS A 293 -12.60 -16.72 3.87
C LYS A 293 -13.59 -16.03 4.80
N LEU A 294 -13.91 -14.77 4.53
CA LEU A 294 -14.86 -14.05 5.35
C LEU A 294 -16.18 -14.80 5.36
N SER A 295 -16.56 -15.26 4.17
CA SER A 295 -17.78 -16.01 3.99
C SER A 295 -17.83 -17.16 5.00
N LYS A 296 -16.83 -18.03 4.94
CA LYS A 296 -16.77 -19.17 5.84
C LYS A 296 -16.78 -18.71 7.31
N GLU A 297 -16.41 -17.46 7.54
CA GLU A 297 -16.38 -16.94 8.90
C GLU A 297 -17.77 -16.41 9.30
N GLY A 298 -18.68 -16.38 8.34
CA GLY A 298 -20.02 -15.91 8.62
C GLY A 298 -20.30 -14.45 8.42
N LYS A 299 -19.43 -13.74 7.70
CA LYS A 299 -19.68 -12.32 7.47
C LYS A 299 -20.72 -12.20 6.36
N LYS A 300 -21.60 -11.21 6.48
CA LYS A 300 -22.64 -10.98 5.49
C LYS A 300 -22.68 -9.48 5.23
N GLY A 301 -23.24 -9.07 4.11
CA GLY A 301 -23.32 -7.66 3.81
C GLY A 301 -22.22 -7.24 2.85
N ALA A 302 -22.18 -5.97 2.51
CA ALA A 302 -21.18 -5.45 1.57
C ALA A 302 -19.96 -4.93 2.30
N VAL A 303 -18.82 -5.01 1.61
CA VAL A 303 -17.55 -4.54 2.15
C VAL A 303 -16.69 -3.97 1.04
N THR A 304 -15.66 -3.22 1.42
CA THR A 304 -14.75 -2.63 0.45
C THR A 304 -13.36 -3.03 0.88
N VAL A 305 -12.38 -2.81 0.00
CA VAL A 305 -11.00 -3.14 0.32
C VAL A 305 -10.60 -2.54 1.66
N LEU A 306 -11.24 -1.45 2.07
CA LEU A 306 -10.89 -0.80 3.33
C LEU A 306 -11.14 -1.64 4.56
N ASP A 307 -11.98 -2.66 4.44
CA ASP A 307 -12.32 -3.52 5.57
C ASP A 307 -11.60 -4.88 5.57
N ILE A 308 -10.80 -5.13 4.55
CA ILE A 308 -10.13 -6.42 4.44
C ILE A 308 -8.63 -6.45 4.77
N PRO A 309 -8.25 -7.21 5.81
CA PRO A 309 -6.85 -7.34 6.23
C PRO A 309 -6.09 -7.99 5.09
N PHE A 310 -4.89 -7.48 4.78
CA PHE A 310 -4.09 -8.03 3.68
C PHE A 310 -3.81 -9.52 3.79
N SER A 311 -3.81 -10.05 5.01
CA SER A 311 -3.54 -11.48 5.20
C SER A 311 -4.61 -12.37 4.56
N TYR A 312 -5.80 -11.83 4.36
CA TYR A 312 -6.86 -12.60 3.73
C TYR A 312 -6.65 -12.82 2.23
N LEU A 313 -5.79 -12.02 1.62
CA LEU A 313 -5.53 -12.15 0.18
C LEU A 313 -4.55 -13.29 -0.13
N SER A 314 -3.82 -13.77 0.86
CA SER A 314 -2.85 -14.82 0.62
C SER A 314 -3.32 -16.23 1.00
N PRO A 315 -2.88 -17.25 0.25
CA PRO A 315 -3.29 -18.63 0.55
C PRO A 315 -2.40 -19.20 1.65
N LYS A 316 -1.34 -18.47 1.98
CA LYS A 316 -0.40 -18.92 3.01
C LYS A 316 -1.00 -18.73 4.38
N THR A 317 -0.44 -19.43 5.36
CA THR A 317 -0.94 -19.36 6.73
C THR A 317 -0.34 -18.18 7.50
N PRO A 318 -1.01 -17.74 8.58
CA PRO A 318 -0.49 -16.63 9.37
C PRO A 318 0.94 -16.85 9.85
N GLU A 319 1.25 -18.06 10.31
CA GLU A 319 2.60 -18.38 10.78
C GLU A 319 3.58 -18.24 9.64
N GLU A 320 3.15 -18.64 8.45
CA GLU A 320 4.01 -18.57 7.28
C GLU A 320 4.32 -17.14 6.85
N LEU A 321 3.31 -16.27 6.94
CA LEU A 321 3.51 -14.86 6.57
C LEU A 321 4.42 -14.15 7.55
N ARG A 322 4.20 -14.36 8.84
CA ARG A 322 5.02 -13.70 9.86
C ARG A 322 6.48 -14.07 9.70
N LYS A 323 6.70 -15.32 9.28
CA LYS A 323 8.04 -15.84 9.09
C LYS A 323 8.68 -15.35 7.80
N GLU A 324 7.95 -15.37 6.70
CA GLU A 324 8.49 -14.96 5.42
C GLU A 324 8.50 -13.46 5.09
N LEU A 325 7.38 -12.78 5.37
CA LEU A 325 7.22 -11.37 5.02
C LEU A 325 7.27 -10.28 6.07
N LEU A 326 7.03 -10.62 7.33
CA LEU A 326 7.00 -9.58 8.35
C LEU A 326 8.38 -8.99 8.67
N SER B 3 -13.85 12.36 25.09
CA SER B 3 -13.60 10.88 25.01
C SER B 3 -12.47 10.58 24.02
N LYS B 4 -11.24 10.85 24.43
CA LYS B 4 -10.10 10.60 23.57
C LYS B 4 -9.31 9.36 23.96
N ILE B 5 -8.53 8.83 23.02
CA ILE B 5 -7.72 7.65 23.25
C ILE B 5 -6.54 8.05 24.12
N ARG B 6 -6.39 7.39 25.26
CA ARG B 6 -5.32 7.70 26.20
C ARG B 6 -4.06 6.91 25.86
N ILE B 7 -3.00 7.61 25.49
CA ILE B 7 -1.77 6.93 25.12
C ILE B 7 -0.69 6.98 26.18
N GLY B 8 0.05 5.87 26.28
CA GLY B 8 1.16 5.80 27.21
C GLY B 8 2.41 5.60 26.38
N ILE B 9 3.52 6.19 26.79
CA ILE B 9 4.78 6.05 26.06
C ILE B 9 5.87 5.46 26.96
N VAL B 10 6.53 4.41 26.50
CA VAL B 10 7.60 3.78 27.27
C VAL B 10 8.92 3.96 26.55
N GLY B 11 9.80 4.75 27.14
CA GLY B 11 11.09 5.01 26.53
C GLY B 11 11.04 6.42 25.96
N TYR B 12 11.98 7.27 26.37
CA TYR B 12 11.93 8.63 25.85
C TYR B 12 13.10 8.96 24.94
N GLY B 13 13.43 8.03 24.04
CA GLY B 13 14.50 8.24 23.08
C GLY B 13 13.94 9.01 21.89
N ASN B 14 14.54 8.84 20.71
CA ASN B 14 14.04 9.56 19.53
C ASN B 14 12.62 9.18 19.14
N ILE B 15 12.27 7.91 19.29
CA ILE B 15 10.94 7.46 18.94
C ILE B 15 9.85 7.93 19.91
N GLY B 16 10.09 7.79 21.20
CA GLY B 16 9.12 8.28 22.17
C GLY B 16 8.94 9.77 21.94
N LYS B 17 10.06 10.46 21.69
CA LYS B 17 9.99 11.89 21.44
C LYS B 17 9.08 12.12 20.23
N GLY B 18 9.20 11.25 19.24
CA GLY B 18 8.37 11.37 18.05
C GLY B 18 6.92 11.05 18.33
N VAL B 19 6.67 10.07 19.19
CA VAL B 19 5.31 9.69 19.52
C VAL B 19 4.61 10.87 20.17
N GLU B 20 5.28 11.48 21.13
CA GLU B 20 4.72 12.63 21.81
C GLU B 20 4.36 13.67 20.74
N LYS B 21 5.25 13.84 19.77
CA LYS B 21 5.01 14.79 18.68
C LYS B 21 3.80 14.39 17.85
N ALA B 22 3.80 13.15 17.36
CA ALA B 22 2.70 12.68 16.55
C ALA B 22 1.35 12.87 17.23
N ILE B 23 1.28 12.57 18.51
CA ILE B 23 0.01 12.70 19.24
C ILE B 23 -0.60 14.08 19.09
N LYS B 24 0.24 15.11 18.99
CA LYS B 24 -0.25 16.46 18.83
C LYS B 24 -1.01 16.61 17.50
N GLN B 25 -0.62 15.81 16.49
CA GLN B 25 -1.27 15.86 15.18
C GLN B 25 -2.51 14.98 15.13
N ASN B 26 -2.88 14.42 16.27
CA ASN B 26 -4.04 13.53 16.34
C ASN B 26 -5.01 13.96 17.44
N ASP B 27 -5.95 14.81 17.07
CA ASP B 27 -6.94 15.35 17.98
C ASP B 27 -7.71 14.34 18.82
N ASP B 28 -7.89 13.13 18.31
CA ASP B 28 -8.63 12.11 19.06
C ASP B 28 -7.75 11.37 20.07
N MET B 29 -6.55 11.89 20.30
CA MET B 29 -5.66 11.24 21.25
C MET B 29 -5.03 12.19 22.25
N GLU B 30 -4.78 11.66 23.44
CA GLU B 30 -4.15 12.43 24.51
C GLU B 30 -3.02 11.62 25.07
N LEU B 31 -1.94 12.30 25.46
CA LEU B 31 -0.78 11.65 26.05
C LEU B 31 -0.96 11.65 27.57
N GLU B 32 -1.10 10.47 28.15
CA GLU B 32 -1.29 10.37 29.59
C GLU B 32 0.01 10.42 30.36
N ALA B 33 1.05 9.84 29.80
CA ALA B 33 2.32 9.82 30.49
C ALA B 33 3.45 9.26 29.66
N ILE B 34 4.66 9.68 30.03
CA ILE B 34 5.88 9.24 29.38
C ILE B 34 6.68 8.49 30.46
N PHE B 35 6.80 7.18 30.30
CA PHE B 35 7.53 6.41 31.28
C PHE B 35 9.01 6.34 30.94
N THR B 36 9.83 6.80 31.87
CA THR B 36 11.27 6.84 31.70
C THR B 36 12.04 6.13 32.82
N ARG B 37 13.31 5.83 32.55
CA ARG B 37 14.17 5.20 33.53
C ARG B 37 15.04 6.25 34.18
N ARG B 38 15.42 7.26 33.41
CA ARG B 38 16.27 8.34 33.89
C ARG B 38 15.56 9.03 35.06
N ASP B 39 16.36 9.48 36.04
CA ASP B 39 15.79 10.16 37.20
C ASP B 39 14.98 11.36 36.76
N ILE B 40 13.67 11.21 36.73
CA ILE B 40 12.79 12.30 36.32
C ILE B 40 13.11 13.54 37.13
N ASN B 41 13.42 13.33 38.41
CA ASN B 41 13.73 14.42 39.33
C ASN B 41 14.72 15.44 38.77
N LYS B 42 15.72 14.98 38.02
CA LYS B 42 16.73 15.85 37.46
C LYS B 42 16.48 16.25 36.00
N VAL B 43 15.70 15.43 35.29
CA VAL B 43 15.38 15.69 33.88
C VAL B 43 14.27 16.74 33.78
N ASP B 44 14.45 17.85 34.48
CA ASP B 44 13.48 18.95 34.50
C ASP B 44 12.26 18.55 35.34
N SER B 45 11.19 19.33 35.23
CA SER B 45 9.96 19.05 35.97
C SER B 45 8.77 19.71 35.29
N ASN B 46 9.05 20.64 34.38
CA ASN B 46 7.98 21.32 33.67
C ASN B 46 7.39 20.38 32.62
N ASN B 47 8.14 19.32 32.33
CA ASN B 47 7.69 18.30 31.37
C ASN B 47 6.76 17.41 32.18
N SER B 48 5.65 18.00 32.62
CA SER B 48 4.63 17.36 33.45
C SER B 48 4.24 15.92 33.12
N LYS B 49 4.45 15.50 31.88
CA LYS B 49 4.08 14.15 31.48
C LYS B 49 5.06 13.06 31.91
N LEU B 50 6.30 13.44 32.21
CA LEU B 50 7.30 12.46 32.62
C LEU B 50 6.97 11.74 33.93
N VAL B 51 7.02 10.41 33.88
CA VAL B 51 6.75 9.58 35.04
C VAL B 51 7.74 8.44 35.06
N HIS B 52 8.29 8.15 36.23
CA HIS B 52 9.28 7.10 36.36
C HIS B 52 8.70 5.71 36.12
N ILE B 53 9.42 4.92 35.32
CA ILE B 53 9.04 3.57 34.95
C ILE B 53 8.61 2.67 36.12
N SER B 54 9.13 2.95 37.31
CA SER B 54 8.78 2.15 38.48
C SER B 54 7.30 2.29 38.80
N ARG B 55 6.69 3.36 38.32
CA ARG B 55 5.28 3.62 38.58
C ARG B 55 4.33 3.22 37.44
N LEU B 56 4.87 2.50 36.46
CA LEU B 56 4.07 2.07 35.32
C LEU B 56 2.74 1.43 35.73
N GLU B 57 2.81 0.43 36.59
CA GLU B 57 1.62 -0.28 37.03
C GLU B 57 0.51 0.60 37.60
N LEU B 58 0.86 1.74 38.16
CA LEU B 58 -0.18 2.63 38.72
C LEU B 58 -1.08 3.20 37.64
N TYR B 59 -0.68 3.02 36.38
CA TYR B 59 -1.46 3.53 35.25
C TYR B 59 -2.24 2.45 34.51
N LYS B 60 -2.24 1.24 35.07
CA LYS B 60 -2.93 0.09 34.50
C LYS B 60 -4.39 0.36 34.14
N ASP B 61 -4.95 1.43 34.69
CA ASP B 61 -6.35 1.76 34.44
C ASP B 61 -6.58 3.11 33.78
N THR B 62 -5.49 3.81 33.49
CA THR B 62 -5.58 5.13 32.87
C THR B 62 -4.93 5.19 31.48
N VAL B 63 -4.44 4.05 31.00
CA VAL B 63 -3.80 3.99 29.70
C VAL B 63 -4.49 2.98 28.79
N ASP B 64 -4.96 3.43 27.64
CA ASP B 64 -5.64 2.52 26.71
C ASP B 64 -4.64 1.74 25.87
N VAL B 65 -3.61 2.44 25.39
CA VAL B 65 -2.58 1.80 24.59
C VAL B 65 -1.20 2.27 25.00
N MET B 66 -0.32 1.33 25.29
CA MET B 66 1.04 1.65 25.69
C MET B 66 1.97 1.46 24.48
N ILE B 67 2.57 2.55 24.00
CA ILE B 67 3.46 2.46 22.86
C ILE B 67 4.91 2.26 23.33
N LEU B 68 5.46 1.08 23.09
CA LEU B 68 6.81 0.78 23.52
C LEU B 68 7.89 1.35 22.61
N CYS B 69 8.59 2.38 23.10
CA CYS B 69 9.64 3.04 22.34
C CYS B 69 10.99 2.79 22.99
N GLY B 70 11.08 1.68 23.71
CA GLY B 70 12.28 1.28 24.42
C GLY B 70 13.62 1.86 24.01
N GLY B 71 14.27 2.51 24.97
CA GLY B 71 15.58 3.10 24.73
C GLY B 71 16.64 2.02 24.84
N SER B 72 17.07 1.51 23.69
CA SER B 72 18.06 0.44 23.57
C SER B 72 18.72 -0.03 24.88
N ALA B 73 18.47 -1.29 25.21
CA ALA B 73 19.00 -1.93 26.40
C ALA B 73 18.33 -3.30 26.48
N THR B 74 17.66 -3.57 27.59
CA THR B 74 16.94 -4.82 27.75
C THR B 74 15.49 -4.51 27.41
N ASP B 75 15.11 -3.25 27.62
CA ASP B 75 13.75 -2.80 27.34
C ASP B 75 13.45 -2.98 25.85
N LEU B 76 14.33 -2.43 25.02
CA LEU B 76 14.19 -2.46 23.57
C LEU B 76 14.26 -3.88 23.00
N VAL B 77 13.55 -4.80 23.64
CA VAL B 77 13.51 -6.19 23.20
C VAL B 77 12.90 -7.09 24.28
N GLU B 78 13.24 -6.79 25.54
CA GLU B 78 12.76 -7.60 26.66
C GLU B 78 12.21 -6.81 27.85
N GLN B 79 10.89 -6.77 27.94
CA GLN B 79 10.13 -6.13 29.02
C GLN B 79 8.75 -5.82 28.48
N GLY B 80 8.65 -5.75 27.15
CA GLY B 80 7.37 -5.53 26.54
C GLY B 80 6.47 -6.64 27.06
N PRO B 81 6.97 -7.89 27.07
CA PRO B 81 6.16 -9.01 27.58
C PRO B 81 5.63 -8.70 28.98
N MET B 82 6.42 -7.99 29.77
CA MET B 82 6.01 -7.64 31.11
C MET B 82 4.95 -6.55 31.08
N ILE B 83 4.97 -5.73 30.03
CA ILE B 83 3.99 -4.65 29.88
C ILE B 83 2.68 -5.16 29.26
N ALA B 84 2.80 -6.20 28.44
CA ALA B 84 1.62 -6.75 27.79
C ALA B 84 0.74 -7.39 28.86
N SER B 85 1.37 -7.84 29.93
CA SER B 85 0.65 -8.45 31.05
C SER B 85 -0.24 -7.45 31.72
N GLN B 86 0.00 -6.17 31.46
CA GLN B 86 -0.78 -5.13 32.10
C GLN B 86 -1.49 -4.16 31.19
N PHE B 87 -1.08 -4.08 29.92
CA PHE B 87 -1.72 -3.16 28.99
C PHE B 87 -1.81 -3.69 27.57
N ASN B 88 -2.56 -2.96 26.75
CA ASN B 88 -2.67 -3.28 25.34
C ASN B 88 -1.41 -2.55 24.87
N THR B 89 -0.59 -3.19 24.05
CA THR B 89 0.63 -2.52 23.61
C THR B 89 0.82 -2.49 22.11
N VAL B 90 1.79 -1.67 21.70
CA VAL B 90 2.17 -1.51 20.30
C VAL B 90 3.69 -1.42 20.28
N ASP B 91 4.36 -2.25 19.48
CA ASP B 91 5.81 -2.15 19.40
C ASP B 91 6.30 -2.24 17.95
N SER B 92 7.58 -1.99 17.77
CA SER B 92 8.18 -2.03 16.45
C SER B 92 9.36 -2.97 16.46
N PHE B 93 9.23 -4.06 17.20
CA PHE B 93 10.25 -5.09 17.31
C PHE B 93 10.75 -5.34 15.89
N ASP B 94 11.99 -4.97 15.61
CA ASP B 94 12.53 -5.10 14.26
C ASP B 94 13.46 -6.27 13.93
N ASN B 95 13.55 -7.26 14.79
CA ASN B 95 14.43 -8.39 14.50
C ASN B 95 13.61 -9.42 13.72
N HIS B 96 13.56 -9.26 12.41
CA HIS B 96 12.79 -10.14 11.52
C HIS B 96 12.95 -11.62 11.84
N GLY B 97 14.20 -12.05 12.04
CA GLY B 97 14.48 -13.43 12.33
C GLY B 97 13.89 -13.95 13.64
N ARG B 98 13.67 -13.06 14.59
CA ARG B 98 13.11 -13.48 15.86
C ARG B 98 11.63 -13.13 16.04
N ILE B 99 11.02 -12.55 15.01
CA ILE B 99 9.61 -12.18 15.09
C ILE B 99 8.69 -13.36 15.44
N PRO B 100 8.94 -14.54 14.84
CA PRO B 100 8.09 -15.69 15.17
C PRO B 100 8.08 -15.99 16.67
N GLN B 101 9.22 -15.85 17.31
CA GLN B 101 9.34 -16.11 18.74
C GLN B 101 8.72 -14.98 19.54
N HIS B 102 8.92 -13.75 19.08
CA HIS B 102 8.36 -12.60 19.78
C HIS B 102 6.84 -12.69 19.73
N PHE B 103 6.30 -13.16 18.61
CA PHE B 103 4.86 -13.30 18.45
C PHE B 103 4.34 -14.33 19.44
N GLU B 104 5.00 -15.50 19.46
CA GLU B 104 4.63 -16.58 20.36
C GLU B 104 4.51 -16.08 21.78
N ARG B 105 5.58 -15.49 22.29
CA ARG B 105 5.59 -14.99 23.65
C ARG B 105 4.52 -13.93 23.90
N MET B 106 4.51 -12.87 23.09
CA MET B 106 3.53 -11.80 23.27
C MET B 106 2.11 -12.30 23.19
N ASP B 107 1.86 -13.30 22.36
CA ASP B 107 0.51 -13.84 22.23
C ASP B 107 0.05 -14.44 23.55
N GLU B 108 0.89 -15.27 24.16
CA GLU B 108 0.54 -15.90 25.43
C GLU B 108 0.17 -14.86 26.49
N ILE B 109 1.10 -13.93 26.75
CA ILE B 109 0.86 -12.89 27.73
C ILE B 109 -0.42 -12.12 27.45
N SER B 110 -0.42 -11.34 26.37
CA SER B 110 -1.60 -10.55 26.03
C SER B 110 -2.87 -11.37 26.11
N LYS B 111 -2.79 -12.63 25.70
CA LYS B 111 -3.94 -13.53 25.72
C LYS B 111 -4.48 -13.76 27.13
N LYS B 112 -3.71 -14.43 27.98
CA LYS B 112 -4.19 -14.70 29.32
C LYS B 112 -4.40 -13.44 30.15
N ALA B 113 -3.85 -12.31 29.70
CA ALA B 113 -4.03 -11.06 30.42
C ALA B 113 -5.29 -10.38 29.91
N GLY B 114 -5.87 -10.93 28.85
CA GLY B 114 -7.08 -10.38 28.28
C GLY B 114 -6.87 -9.07 27.55
N ASN B 115 -5.63 -8.84 27.11
CA ASN B 115 -5.27 -7.62 26.39
C ASN B 115 -4.94 -7.94 24.95
N ILE B 116 -4.53 -6.92 24.22
CA ILE B 116 -4.16 -7.10 22.82
C ILE B 116 -2.80 -6.44 22.61
N SER B 117 -1.91 -7.15 21.91
CA SER B 117 -0.59 -6.60 21.65
C SER B 117 -0.25 -6.62 20.16
N LEU B 118 0.14 -5.46 19.63
CA LEU B 118 0.53 -5.32 18.23
C LEU B 118 2.05 -5.33 18.13
N ILE B 119 2.59 -6.32 17.45
CA ILE B 119 4.05 -6.41 17.34
C ILE B 119 4.57 -6.00 15.98
N SER B 120 5.83 -5.62 15.97
CA SER B 120 6.54 -5.25 14.75
C SER B 120 5.86 -4.32 13.75
N THR B 121 5.45 -3.14 14.19
CA THR B 121 4.88 -2.20 13.24
C THR B 121 5.97 -1.13 13.07
N GLY B 122 5.80 -0.25 12.09
CA GLY B 122 6.79 0.77 11.79
C GLY B 122 6.84 0.70 10.28
N TRP B 123 7.91 1.12 9.61
CA TRP B 123 7.89 1.00 8.15
C TRP B 123 8.46 -0.33 7.66
N ASP B 124 9.47 -0.85 8.35
CA ASP B 124 10.01 -2.17 8.02
C ASP B 124 10.72 -2.75 9.23
N PRO B 125 10.04 -3.67 9.95
CA PRO B 125 8.69 -4.17 9.66
C PRO B 125 7.57 -3.13 9.74
N GLY B 126 6.45 -3.47 9.10
CA GLY B 126 5.30 -2.60 9.09
C GLY B 126 4.77 -2.39 7.69
N LEU B 127 4.93 -1.17 7.19
CA LEU B 127 4.46 -0.78 5.87
C LEU B 127 5.10 -1.56 4.71
N PHE B 128 6.39 -1.82 4.79
CA PHE B 128 7.07 -2.60 3.75
C PHE B 128 6.55 -4.03 3.77
N SER B 129 6.23 -4.54 4.95
CA SER B 129 5.71 -5.89 5.12
C SER B 129 4.39 -6.02 4.37
N LEU B 130 3.50 -5.06 4.64
CA LEU B 130 2.20 -5.03 4.01
C LEU B 130 2.32 -5.04 2.50
N ASN B 131 3.23 -4.22 1.96
CA ASN B 131 3.37 -4.20 0.52
C ASN B 131 4.02 -5.46 -0.03
N ARG B 132 4.89 -6.12 0.74
CA ARG B 132 5.47 -7.37 0.26
C ARG B 132 4.31 -8.35 0.06
N LEU B 133 3.43 -8.41 1.06
CA LEU B 133 2.29 -9.31 1.03
C LEU B 133 1.31 -8.96 -0.09
N LEU B 134 0.95 -7.68 -0.17
CA LEU B 134 0.04 -7.25 -1.22
C LEU B 134 0.61 -7.64 -2.59
N GLY B 135 1.88 -7.32 -2.82
CA GLY B 135 2.49 -7.65 -4.09
C GLY B 135 2.41 -9.12 -4.50
N GLU B 136 2.81 -10.03 -3.62
CA GLU B 136 2.79 -11.45 -3.96
C GLU B 136 1.38 -12.03 -3.93
N SER B 137 0.47 -11.33 -3.27
CA SER B 137 -0.92 -11.75 -3.23
C SER B 137 -1.61 -11.39 -4.54
N ILE B 138 -1.33 -10.19 -5.05
CA ILE B 138 -1.95 -9.73 -6.30
C ILE B 138 -1.27 -10.29 -7.55
N LEU B 139 0.05 -10.46 -7.46
CA LEU B 139 0.82 -10.99 -8.57
C LEU B 139 1.58 -12.21 -8.06
N PRO B 140 0.90 -13.35 -7.95
CA PRO B 140 1.47 -14.62 -7.48
C PRO B 140 2.68 -15.11 -8.26
N LYS B 141 2.74 -14.74 -9.54
CA LYS B 141 3.87 -15.13 -10.38
C LYS B 141 4.75 -13.90 -10.58
N GLY B 142 5.83 -13.83 -9.83
CA GLY B 142 6.74 -12.70 -9.94
C GLY B 142 7.77 -12.68 -8.82
N LYS B 143 8.56 -11.60 -8.79
CA LYS B 143 9.59 -11.42 -7.78
C LYS B 143 9.28 -10.22 -6.90
N THR B 144 9.79 -10.24 -5.68
CA THR B 144 9.61 -9.16 -4.74
C THR B 144 10.99 -8.65 -4.34
N HIS B 145 11.23 -7.37 -4.58
CA HIS B 145 12.51 -6.77 -4.25
C HIS B 145 12.33 -5.64 -3.27
N THR B 146 13.03 -5.73 -2.14
CA THR B 146 12.98 -4.71 -1.12
C THR B 146 14.35 -4.01 -1.04
N PHE B 147 14.37 -2.70 -1.21
CA PHE B 147 15.63 -1.96 -1.10
C PHE B 147 15.46 -1.03 0.09
N TRP B 148 16.55 -0.77 0.80
CA TRP B 148 16.47 0.11 1.96
C TRP B 148 17.18 1.42 1.62
N GLY B 149 16.36 2.39 1.18
CA GLY B 149 16.78 3.72 0.77
C GLY B 149 17.93 4.26 1.59
N LYS B 150 18.53 5.36 1.14
CA LYS B 150 19.67 5.92 1.85
C LYS B 150 19.43 6.06 3.34
N GLY B 151 20.22 5.33 4.12
CA GLY B 151 20.09 5.36 5.56
C GLY B 151 21.34 4.82 6.24
N VAL B 152 21.56 5.23 7.47
CA VAL B 152 22.73 4.82 8.22
C VAL B 152 22.60 3.44 8.87
N SER B 153 23.75 2.82 9.10
CA SER B 153 23.83 1.52 9.77
C SER B 153 24.73 1.78 10.96
N LEU B 154 24.14 1.83 12.14
CA LEU B 154 24.90 2.07 13.36
C LEU B 154 26.09 1.12 13.40
N GLY B 155 25.83 -0.16 13.13
CA GLY B 155 26.88 -1.16 13.15
C GLY B 155 28.05 -0.81 12.25
N HIS B 156 27.77 -0.56 10.97
CA HIS B 156 28.83 -0.23 10.03
C HIS B 156 29.60 1.02 10.44
N SER B 157 28.95 1.92 11.16
CA SER B 157 29.63 3.14 11.59
C SER B 157 30.63 2.82 12.69
N ASP B 158 30.23 1.95 13.63
CA ASP B 158 31.13 1.56 14.71
C ASP B 158 32.32 0.85 14.08
N ALA B 159 32.04 0.05 13.06
CA ALA B 159 33.09 -0.67 12.35
C ALA B 159 34.12 0.33 11.81
N ILE B 160 33.64 1.30 11.04
CA ILE B 160 34.51 2.33 10.48
C ILE B 160 35.41 2.94 11.54
N ARG B 161 34.87 3.13 12.73
CA ARG B 161 35.62 3.72 13.83
C ARG B 161 36.74 2.84 14.36
N ARG B 162 36.69 1.55 14.07
CA ARG B 162 37.73 0.63 14.54
C ARG B 162 38.93 0.59 13.60
N VAL B 163 38.82 1.28 12.46
CA VAL B 163 39.91 1.33 11.49
C VAL B 163 41.00 2.31 11.88
N GLN B 164 42.25 1.86 11.77
CA GLN B 164 43.43 2.67 12.11
C GLN B 164 43.47 3.99 11.33
N GLY B 165 43.64 5.09 12.04
CA GLY B 165 43.71 6.39 11.39
C GLY B 165 42.36 7.09 11.22
N VAL B 166 41.30 6.48 11.70
CA VAL B 166 39.97 7.07 11.59
C VAL B 166 39.54 7.76 12.88
N LYS B 167 39.41 9.09 12.83
CA LYS B 167 39.01 9.87 13.98
C LYS B 167 37.52 9.65 14.28
N ASN B 168 36.72 9.83 13.24
CA ASN B 168 35.28 9.65 13.35
C ASN B 168 34.75 9.38 11.95
N GLY B 169 33.52 8.88 11.86
CA GLY B 169 32.94 8.59 10.56
C GLY B 169 31.53 8.04 10.59
N ILE B 170 30.94 7.92 9.41
CA ILE B 170 29.58 7.42 9.27
C ILE B 170 29.41 6.64 7.98
N GLN B 171 28.45 5.74 7.97
CA GLN B 171 28.19 4.92 6.79
C GLN B 171 26.73 4.98 6.35
N TYR B 172 26.53 4.88 5.05
CA TYR B 172 25.19 4.89 4.48
C TYR B 172 25.07 3.68 3.59
N ILE B 173 23.86 3.13 3.50
CA ILE B 173 23.57 2.02 2.63
C ILE B 173 22.63 2.68 1.63
N ILE B 174 22.88 2.48 0.35
CA ILE B 174 22.04 3.10 -0.67
C ILE B 174 21.66 2.17 -1.80
N PRO B 175 20.37 2.15 -2.16
CA PRO B 175 19.94 1.28 -3.26
C PRO B 175 20.61 1.76 -4.54
N ILE B 176 21.04 0.83 -5.39
CA ILE B 176 21.68 1.20 -6.64
C ILE B 176 20.61 1.49 -7.68
N LYS B 177 20.64 2.71 -8.22
CA LYS B 177 19.67 3.16 -9.22
C LYS B 177 19.49 2.17 -10.37
N GLY B 178 20.60 1.64 -10.87
CA GLY B 178 20.52 0.68 -11.96
C GLY B 178 19.71 -0.56 -11.61
N ALA B 179 19.80 -0.98 -10.36
CA ALA B 179 19.06 -2.16 -9.90
C ALA B 179 17.59 -1.79 -9.78
N LEU B 180 17.31 -0.55 -9.37
CA LEU B 180 15.93 -0.10 -9.24
C LEU B 180 15.28 -0.03 -10.60
N ASP B 181 15.97 0.57 -11.56
CA ASP B 181 15.44 0.71 -12.90
C ASP B 181 15.10 -0.65 -13.53
N LYS B 182 15.94 -1.65 -13.32
CA LYS B 182 15.68 -2.97 -13.88
C LYS B 182 14.49 -3.65 -13.22
N ALA B 183 14.35 -3.48 -11.91
CA ALA B 183 13.22 -4.08 -11.20
C ALA B 183 11.95 -3.39 -11.73
N ARG B 184 11.98 -2.06 -11.78
CA ARG B 184 10.83 -1.29 -12.26
C ARG B 184 10.42 -1.65 -13.67
N SER B 185 11.35 -2.19 -14.43
CA SER B 185 11.03 -2.64 -15.78
C SER B 185 10.52 -4.05 -15.52
N GLY B 186 9.60 -4.54 -16.34
CA GLY B 186 9.07 -5.87 -16.11
C GLY B 186 10.04 -7.04 -16.21
N GLU B 187 11.25 -6.81 -16.73
CA GLU B 187 12.20 -7.91 -16.88
C GLU B 187 12.54 -8.56 -15.55
N GLN B 188 11.88 -9.67 -15.29
CA GLN B 188 12.07 -10.43 -14.04
C GLN B 188 13.50 -10.95 -13.96
N CYS B 189 14.05 -10.88 -12.75
CA CYS B 189 15.41 -11.34 -12.51
C CYS B 189 15.72 -11.25 -11.02
N ASP B 190 16.77 -11.94 -10.61
CA ASP B 190 17.19 -11.93 -9.22
C ASP B 190 18.44 -11.07 -9.10
N PHE B 191 18.59 -10.42 -7.97
CA PHE B 191 19.75 -9.55 -7.78
C PHE B 191 20.75 -10.09 -6.78
N THR B 192 22.02 -9.90 -7.12
CA THR B 192 23.12 -10.31 -6.26
C THR B 192 23.19 -9.23 -5.19
N THR B 193 23.85 -9.52 -4.08
CA THR B 193 23.96 -8.52 -3.02
C THR B 193 24.60 -7.25 -3.58
N ARG B 194 25.70 -7.45 -4.29
CA ARG B 194 26.47 -6.37 -4.89
C ARG B 194 25.69 -5.48 -5.87
N GLU B 195 24.63 -6.02 -6.47
CA GLU B 195 23.86 -5.24 -7.42
C GLU B 195 22.74 -4.41 -6.82
N LYS B 196 22.18 -4.83 -5.69
CA LYS B 196 21.08 -4.10 -5.04
C LYS B 196 21.48 -2.84 -4.29
N HIS B 197 22.44 -2.96 -3.39
CA HIS B 197 22.88 -1.82 -2.59
C HIS B 197 24.37 -1.54 -2.67
N GLU B 198 24.72 -0.28 -2.48
CA GLU B 198 26.12 0.15 -2.46
C GLU B 198 26.25 0.85 -1.11
N MET B 199 27.47 0.98 -0.60
CA MET B 199 27.68 1.66 0.67
C MET B 199 28.56 2.87 0.48
N VAL B 200 28.25 3.94 1.21
CA VAL B 200 29.03 5.17 1.13
C VAL B 200 29.43 5.61 2.52
N CYS B 201 30.72 5.81 2.73
CA CYS B 201 31.23 6.24 4.02
C CYS B 201 31.87 7.61 3.91
N TYR B 202 31.71 8.38 4.98
CA TYR B 202 32.31 9.70 5.07
C TYR B 202 33.19 9.61 6.30
N VAL B 203 34.49 9.67 6.07
CA VAL B 203 35.45 9.52 7.16
C VAL B 203 36.27 10.76 7.46
N VAL B 204 36.50 10.98 8.75
CA VAL B 204 37.32 12.09 9.22
C VAL B 204 38.60 11.40 9.64
N PRO B 205 39.68 11.61 8.86
CA PRO B 205 40.98 11.00 9.18
C PRO B 205 41.74 11.75 10.26
N GLU B 206 42.68 11.07 10.89
CA GLU B 206 43.52 11.69 11.91
C GLU B 206 44.56 12.50 11.14
N GLU B 207 45.33 13.32 11.84
CA GLU B 207 46.35 14.09 11.14
C GLU B 207 47.37 13.07 10.66
N ASN B 208 47.56 13.01 9.34
CA ASN B 208 48.48 12.05 8.75
C ASN B 208 47.92 10.69 9.18
N ALA B 209 47.46 9.87 8.22
CA ALA B 209 46.92 8.57 8.62
C ALA B 209 47.03 7.48 7.57
N ASP B 210 47.27 7.89 6.33
CA ASP B 210 47.37 6.98 5.19
C ASP B 210 45.94 6.78 4.69
N LEU B 211 45.44 7.79 3.98
CA LEU B 211 44.09 7.78 3.45
C LEU B 211 43.78 6.56 2.57
N LYS B 212 44.73 6.18 1.74
CA LYS B 212 44.52 5.04 0.85
C LYS B 212 44.39 3.74 1.65
N LYS B 213 45.10 3.69 2.77
CA LYS B 213 45.05 2.50 3.63
C LYS B 213 43.69 2.38 4.31
N ILE B 214 43.20 3.48 4.85
CA ILE B 214 41.90 3.50 5.52
C ILE B 214 40.85 3.01 4.53
N GLU B 215 40.89 3.61 3.34
CA GLU B 215 39.96 3.28 2.27
C GLU B 215 39.86 1.78 2.02
N GLN B 216 41.01 1.12 1.92
CA GLN B 216 41.03 -0.32 1.68
C GLN B 216 40.67 -1.10 2.93
N ASP B 217 41.04 -0.60 4.10
CA ASP B 217 40.71 -1.27 5.35
C ASP B 217 39.18 -1.36 5.50
N ILE B 218 38.49 -0.35 5.00
CA ILE B 218 37.04 -0.32 5.06
C ILE B 218 36.44 -1.14 3.91
N LYS B 219 36.91 -0.87 2.70
CA LYS B 219 36.42 -1.59 1.52
C LYS B 219 36.54 -3.11 1.60
N THR B 220 37.64 -3.59 2.16
CA THR B 220 37.87 -5.04 2.26
C THR B 220 37.48 -5.61 3.62
N MET B 221 36.75 -4.83 4.42
CA MET B 221 36.36 -5.32 5.74
C MET B 221 35.32 -6.44 5.64
N PRO B 222 35.68 -7.65 6.12
CA PRO B 222 34.79 -8.80 6.08
C PRO B 222 33.48 -8.57 6.83
N ASP B 223 32.41 -9.15 6.30
CA ASP B 223 31.08 -9.06 6.89
C ASP B 223 30.40 -7.70 6.68
N TYR B 224 31.14 -6.61 6.90
CA TYR B 224 30.56 -5.29 6.75
C TYR B 224 30.58 -4.65 5.36
N PHE B 225 31.70 -4.76 4.66
CA PHE B 225 31.82 -4.12 3.35
C PHE B 225 32.31 -4.97 2.16
N ALA B 226 33.10 -6.00 2.43
CA ALA B 226 33.65 -6.85 1.37
C ALA B 226 32.73 -7.16 0.18
N ASP B 227 31.45 -7.38 0.46
CA ASP B 227 30.49 -7.72 -0.59
C ASP B 227 29.86 -6.56 -1.36
N TYR B 228 30.09 -5.33 -0.91
CA TYR B 228 29.46 -4.19 -1.58
C TYR B 228 30.41 -3.17 -2.16
N ASN B 229 29.98 -2.54 -3.25
CA ASN B 229 30.77 -1.48 -3.87
C ASN B 229 30.73 -0.39 -2.81
N THR B 230 31.89 -0.05 -2.25
CA THR B 230 31.98 0.96 -1.21
C THR B 230 32.85 2.14 -1.62
N THR B 231 32.36 3.33 -1.30
CA THR B 231 33.05 4.58 -1.61
C THR B 231 33.36 5.27 -0.32
N VAL B 232 34.58 5.77 -0.22
CA VAL B 232 35.02 6.45 0.97
C VAL B 232 35.38 7.90 0.67
N HIS B 233 34.65 8.82 1.27
CA HIS B 233 34.91 10.25 1.11
C HIS B 233 35.54 10.72 2.41
N PHE B 234 36.62 11.49 2.30
CA PHE B 234 37.30 12.01 3.46
C PHE B 234 36.86 13.46 3.69
N ILE B 235 36.37 13.73 4.89
CA ILE B 235 35.89 15.05 5.22
C ILE B 235 36.37 15.48 6.60
N THR B 236 36.05 16.73 6.94
CA THR B 236 36.42 17.31 8.22
C THR B 236 35.38 17.02 9.30
N GLU B 237 35.78 17.27 10.53
CA GLU B 237 34.90 17.07 11.68
C GLU B 237 33.72 18.03 11.56
N GLU B 238 33.95 19.22 10.98
CA GLU B 238 32.88 20.19 10.84
C GLU B 238 31.81 19.68 9.89
N GLU B 239 32.20 19.20 8.72
CA GLU B 239 31.24 18.68 7.76
C GLU B 239 30.53 17.46 8.30
N LEU B 240 31.26 16.62 9.03
CA LEU B 240 30.64 15.44 9.60
C LEU B 240 29.44 15.87 10.45
N LYS B 241 29.67 16.73 11.43
CA LYS B 241 28.59 17.20 12.28
C LYS B 241 27.47 17.93 11.52
N LEU B 242 27.86 18.78 10.59
CA LEU B 242 26.88 19.54 9.80
C LEU B 242 26.01 18.77 8.80
N ASN B 243 26.58 17.81 8.08
CA ASN B 243 25.81 17.12 7.05
C ASN B 243 25.50 15.64 7.24
N HIS B 244 25.85 15.09 8.39
CA HIS B 244 25.60 13.68 8.60
C HIS B 244 24.98 13.36 9.94
N ALA B 245 23.90 14.07 10.25
CA ALA B 245 23.17 13.84 11.49
C ALA B 245 22.67 12.39 11.43
N GLY B 246 22.46 11.88 10.22
CA GLY B 246 22.01 10.51 10.03
C GLY B 246 20.61 10.15 10.49
N LEU B 247 19.68 11.11 10.43
CA LEU B 247 18.32 10.88 10.88
C LEU B 247 17.32 10.53 9.78
N SER B 248 17.78 10.53 8.54
CA SER B 248 16.91 10.23 7.42
C SER B 248 17.01 8.78 6.92
N ASN B 249 16.03 8.37 6.14
CA ASN B 249 16.01 7.02 5.61
C ASN B 249 14.92 6.87 4.54
N GLY B 250 14.75 5.65 4.05
CA GLY B 250 13.74 5.40 3.05
C GLY B 250 13.93 4.00 2.49
N GLY B 251 13.26 3.68 1.40
CA GLY B 251 13.41 2.36 0.82
C GLY B 251 12.34 2.09 -0.20
N PHE B 252 12.45 0.96 -0.89
CA PHE B 252 11.49 0.60 -1.91
C PHE B 252 11.06 -0.87 -1.78
N VAL B 253 9.80 -1.13 -2.11
CA VAL B 253 9.29 -2.47 -2.15
C VAL B 253 8.69 -2.56 -3.54
N ILE B 254 9.22 -3.48 -4.34
CA ILE B 254 8.77 -3.63 -5.71
C ILE B 254 8.39 -5.06 -6.06
N ARG B 255 7.23 -5.19 -6.69
CA ARG B 255 6.75 -6.50 -7.12
C ARG B 255 6.75 -6.45 -8.63
N SER B 256 7.65 -7.21 -9.23
CA SER B 256 7.76 -7.29 -10.67
C SER B 256 7.16 -8.63 -11.03
N GLY B 257 6.11 -8.61 -11.82
CA GLY B 257 5.48 -9.87 -12.17
C GLY B 257 4.86 -9.85 -13.55
N ASN B 258 4.30 -10.99 -13.91
CA ASN B 258 3.69 -11.13 -15.21
C ASN B 258 2.34 -11.79 -15.03
N THR B 259 1.41 -11.43 -15.89
CA THR B 259 0.11 -12.05 -15.85
C THR B 259 0.24 -13.27 -16.75
N GLN B 260 -0.69 -14.20 -16.57
CA GLN B 260 -0.74 -15.44 -17.31
C GLN B 260 -0.28 -15.35 -18.76
N GLY B 261 -0.75 -14.33 -19.46
CA GLY B 261 -0.34 -14.17 -20.85
C GLY B 261 1.13 -13.83 -21.03
N GLY B 262 1.78 -13.40 -19.95
CA GLY B 262 3.18 -13.02 -20.02
C GLY B 262 3.37 -11.51 -19.97
N ALA B 263 2.28 -10.77 -19.94
CA ALA B 263 2.38 -9.31 -19.88
C ALA B 263 3.04 -8.89 -18.57
N LYS B 264 3.87 -7.86 -18.64
CA LYS B 264 4.58 -7.35 -17.47
C LYS B 264 3.64 -6.51 -16.60
N GLN B 265 3.79 -6.63 -15.28
CA GLN B 265 2.97 -5.88 -14.35
C GLN B 265 3.91 -5.52 -13.21
N VAL B 266 3.96 -4.25 -12.85
CA VAL B 266 4.85 -3.78 -11.79
C VAL B 266 4.14 -2.92 -10.75
N MET B 267 4.39 -3.25 -9.49
CA MET B 267 3.81 -2.54 -8.36
C MET B 267 4.97 -2.04 -7.54
N GLU B 268 4.87 -0.82 -7.03
CA GLU B 268 5.95 -0.29 -6.22
C GLU B 268 5.45 0.60 -5.10
N PHE B 269 6.11 0.52 -3.96
CA PHE B 269 5.79 1.34 -2.81
C PHE B 269 7.12 1.82 -2.25
N ASN B 270 7.23 3.11 -1.96
CA ASN B 270 8.47 3.63 -1.41
C ASN B 270 8.29 4.78 -0.45
N LEU B 271 9.29 4.98 0.39
CA LEU B 271 9.26 6.04 1.38
C LEU B 271 10.52 6.87 1.30
N ASN B 272 10.37 8.16 1.54
CA ASN B 272 11.49 9.09 1.56
C ASN B 272 11.30 9.81 2.88
N LEU B 273 12.09 9.46 3.87
CA LEU B 273 11.91 10.04 5.19
C LEU B 273 13.00 10.99 5.64
N GLU B 274 12.66 12.27 5.75
CA GLU B 274 13.62 13.26 6.21
C GLU B 274 13.95 12.88 7.65
N SER B 275 12.94 12.43 8.38
CA SER B 275 13.13 12.01 9.75
C SER B 275 12.57 10.59 9.95
N SER B 276 13.43 9.59 9.85
CA SER B 276 13.04 8.20 10.01
C SER B 276 12.32 7.94 11.33
N ALA B 277 12.87 8.46 12.41
CA ALA B 277 12.27 8.25 13.72
C ALA B 277 10.87 8.86 13.85
N GLU B 278 10.69 10.08 13.36
CA GLU B 278 9.37 10.72 13.45
C GLU B 278 8.30 9.98 12.62
N PHE B 279 8.73 9.42 11.50
CA PHE B 279 7.78 8.69 10.67
C PHE B 279 7.37 7.42 11.39
N THR B 280 8.35 6.65 11.84
CA THR B 280 8.06 5.42 12.55
C THR B 280 7.08 5.72 13.68
N SER B 281 7.34 6.78 14.42
CA SER B 281 6.47 7.18 15.51
C SER B 281 5.05 7.42 15.00
N SER B 282 4.91 8.16 13.90
CA SER B 282 3.59 8.44 13.33
C SER B 282 2.86 7.15 13.01
N VAL B 283 3.57 6.17 12.48
CA VAL B 283 2.97 4.88 12.16
C VAL B 283 2.52 4.22 13.46
N LEU B 284 3.36 4.33 14.49
CA LEU B 284 3.05 3.73 15.78
C LEU B 284 1.74 4.30 16.31
N VAL B 285 1.61 5.63 16.24
CA VAL B 285 0.40 6.26 16.70
C VAL B 285 -0.83 5.79 15.90
N ALA B 286 -0.76 5.86 14.58
CA ALA B 286 -1.89 5.40 13.76
C ALA B 286 -2.33 3.99 14.15
N TYR B 287 -1.37 3.08 14.32
CA TYR B 287 -1.76 1.72 14.68
C TYR B 287 -2.32 1.67 16.09
N SER B 288 -1.98 2.66 16.91
CA SER B 288 -2.53 2.71 18.26
C SER B 288 -4.02 2.90 18.19
N ARG B 289 -4.48 3.69 17.22
CA ARG B 289 -5.91 3.93 17.05
C ARG B 289 -6.58 2.60 16.71
N ALA B 290 -5.93 1.84 15.83
CA ALA B 290 -6.45 0.54 15.42
C ALA B 290 -6.51 -0.47 16.57
N ILE B 291 -5.48 -0.47 17.41
CA ILE B 291 -5.43 -1.40 18.54
C ILE B 291 -6.50 -1.03 19.57
N TYR B 292 -6.72 0.26 19.75
CA TYR B 292 -7.76 0.72 20.66
C TYR B 292 -9.12 0.15 20.21
N LYS B 293 -9.47 0.36 18.95
CA LYS B 293 -10.75 -0.15 18.44
C LYS B 293 -10.83 -1.65 18.65
N LEU B 294 -9.77 -2.34 18.24
CA LEU B 294 -9.72 -3.79 18.39
C LEU B 294 -9.94 -4.24 19.83
N SER B 295 -9.25 -3.58 20.78
CA SER B 295 -9.41 -3.94 22.19
C SER B 295 -10.86 -3.74 22.62
N LYS B 296 -11.47 -2.64 22.18
CA LYS B 296 -12.86 -2.37 22.53
C LYS B 296 -13.77 -3.45 21.96
N GLU B 297 -13.48 -3.90 20.74
CA GLU B 297 -14.25 -4.96 20.12
C GLU B 297 -14.03 -6.24 20.92
N GLY B 298 -13.10 -6.19 21.86
CA GLY B 298 -12.82 -7.36 22.68
C GLY B 298 -11.86 -8.35 22.07
N LYS B 299 -10.98 -7.88 21.19
CA LYS B 299 -10.00 -8.76 20.57
C LYS B 299 -8.93 -9.10 21.60
N LYS B 300 -8.33 -10.26 21.48
CA LYS B 300 -7.31 -10.68 22.43
C LYS B 300 -6.13 -11.33 21.72
N GLY B 301 -4.97 -11.24 22.34
CA GLY B 301 -3.80 -11.86 21.75
C GLY B 301 -2.93 -10.90 20.98
N ALA B 302 -1.93 -11.46 20.32
CA ALA B 302 -1.01 -10.66 19.54
C ALA B 302 -1.48 -10.55 18.08
N VAL B 303 -1.14 -9.43 17.45
CA VAL B 303 -1.49 -9.17 16.07
C VAL B 303 -0.34 -8.47 15.38
N THR B 304 -0.39 -8.48 14.06
CA THR B 304 0.63 -7.83 13.25
C THR B 304 -0.14 -6.95 12.28
N VAL B 305 0.54 -6.04 11.59
CA VAL B 305 -0.15 -5.17 10.65
C VAL B 305 -0.85 -6.03 9.61
N LEU B 306 -0.37 -7.25 9.45
CA LEU B 306 -0.96 -8.16 8.48
C LEU B 306 -2.43 -8.49 8.84
N ASP B 307 -2.80 -8.33 10.10
CA ASP B 307 -4.18 -8.64 10.52
C ASP B 307 -5.11 -7.43 10.62
N ILE B 308 -4.58 -6.23 10.40
CA ILE B 308 -5.39 -5.03 10.57
C ILE B 308 -5.88 -4.31 9.32
N PRO B 309 -7.21 -4.21 9.16
CA PRO B 309 -7.80 -3.53 7.99
C PRO B 309 -7.38 -2.08 8.08
N PHE B 310 -7.06 -1.48 6.94
CA PHE B 310 -6.64 -0.08 6.91
C PHE B 310 -7.71 0.86 7.48
N SER B 311 -8.98 0.46 7.43
CA SER B 311 -10.05 1.30 7.95
C SER B 311 -9.84 1.59 9.43
N TYR B 312 -9.21 0.66 10.15
CA TYR B 312 -8.96 0.87 11.57
C TYR B 312 -7.92 1.95 11.88
N LEU B 313 -7.14 2.36 10.90
CA LEU B 313 -6.11 3.37 11.14
C LEU B 313 -6.63 4.79 11.04
N SER B 314 -7.91 4.94 10.73
CA SER B 314 -8.47 6.28 10.58
C SER B 314 -9.56 6.62 11.59
N PRO B 315 -9.61 7.89 12.01
CA PRO B 315 -10.61 8.36 12.97
C PRO B 315 -11.93 8.65 12.27
N LYS B 316 -11.93 8.55 10.94
CA LYS B 316 -13.14 8.80 10.18
C LYS B 316 -14.07 7.59 10.19
N THR B 317 -15.34 7.83 9.92
CA THR B 317 -16.31 6.74 9.92
C THR B 317 -16.26 6.00 8.60
N PRO B 318 -16.85 4.80 8.55
CA PRO B 318 -16.88 3.97 7.34
C PRO B 318 -17.50 4.67 6.15
N GLU B 319 -18.61 5.38 6.36
CA GLU B 319 -19.26 6.08 5.25
C GLU B 319 -18.41 7.23 4.74
N GLU B 320 -17.81 7.98 5.65
CA GLU B 320 -16.98 9.09 5.25
C GLU B 320 -15.86 8.60 4.33
N LEU B 321 -15.23 7.49 4.70
CA LEU B 321 -14.15 6.91 3.90
C LEU B 321 -14.62 6.47 2.51
N ARG B 322 -15.70 5.69 2.45
CA ARG B 322 -16.23 5.22 1.18
C ARG B 322 -16.65 6.37 0.28
N LYS B 323 -17.03 7.48 0.89
CA LYS B 323 -17.47 8.67 0.16
C LYS B 323 -16.30 9.53 -0.28
N GLU B 324 -15.32 9.70 0.59
CA GLU B 324 -14.16 10.53 0.29
C GLU B 324 -12.99 9.86 -0.42
N LEU B 325 -12.55 8.71 0.11
CA LEU B 325 -11.39 8.01 -0.41
C LEU B 325 -11.54 6.82 -1.36
N LEU B 326 -12.64 6.10 -1.27
CA LEU B 326 -12.80 4.92 -2.11
C LEU B 326 -12.86 5.31 -3.59
N DLE C . 21.14 -2.86 11.94
CA DLE C . 22.30 -2.58 12.79
CB DLE C . 21.95 -1.56 13.88
CG DLE C . 20.81 -2.10 14.76
CD1 DLE C . 21.28 -3.37 15.47
CD2 DLE C . 20.44 -1.05 15.80
C DLE C . 23.44 -2.04 11.93
O DLE C . 23.15 -1.17 11.09
OXT DLE C . 24.57 -2.54 12.13
#